data_8UKV
#
_entry.id   8UKV
#
_cell.length_a   66.291
_cell.length_b   80.361
_cell.length_c   91.841
_cell.angle_alpha   106.92
_cell.angle_beta   103.50
_cell.angle_gamma   104.56
#
_symmetry.space_group_name_H-M   'P 1'
#
loop_
_entity.id
_entity.type
_entity.pdbx_description
1 polymer 'Epidermal growth factor receptor'
2 polymer 'Nanobody/VHH domain 34E5'
3 branched 2-acetamido-2-deoxy-beta-D-glucopyranose-(1-4)-2-acetamido-2-deoxy-beta-D-glucopyranose
4 non-polymer 2-acetamido-2-deoxy-beta-D-glucopyranose
#
loop_
_entity_poly.entity_id
_entity_poly.type
_entity_poly.pdbx_seq_one_letter_code
_entity_poly.pdbx_strand_id
1 'polypeptide(L)'
;LEEKKGNYVVTDHGSCVRACGADSYEMEEDGVRKCKKCEGPCRKVCNGIGIGEFKDSLSINATNIKHFKNCTSISGDLHI
LPVAFRGDSFTHTPPLDPQELDILKTVKEITGFLLIQAWPENRTDLHAFENLEIIRGRTKQHGQFSLAVVSLNITSLGLR
SLKEISDGDVIISGNKNLCYANTINWKKLFGTSGQKTKIISNRGENSCKATGQVCHALCSPEGCWGPEPRDCVSCRNVSR
GRECVDKCNLLEGEPREFVENSECIQCHPECLPQAMNITCTGRGPDNCIQCAHYIDGPHCVKTCPAGVMGENNTLVWKYA
DAGHVCHLCHPNCTYGCTGPGLEGCPTNGPKHHHHHH
;
A,B
2 'polypeptide(L)'
;EVQLVESGGGLVQPGGSLRLSCTASGMIFSFNVMGWYRQAPGNQRELAATITTDGSTNYADSVKGRFTISRDKNTVYLQM
NSLKPEDTAVYYCHLKNIRDYRNYSNYWGQGTQVTVSSAAAEQKLISEEDLNGLEHHHHHH
;
C,D
#
loop_
_chem_comp.id
_chem_comp.type
_chem_comp.name
_chem_comp.formula
NAG D-saccharide, beta linking 2-acetamido-2-deoxy-beta-D-glucopyranose 'C8 H15 N O6'
#
# COMPACT_ATOMS: atom_id res chain seq x y z
N TYR A 25 8.27 0.60 -25.74
CA TYR A 25 8.92 0.87 -24.47
C TYR A 25 7.98 1.64 -23.55
N GLU A 26 8.35 1.76 -22.28
CA GLU A 26 7.48 2.36 -21.26
C GLU A 26 8.32 3.23 -20.33
N MET A 27 7.97 4.50 -20.24
CA MET A 27 8.70 5.46 -19.39
C MET A 27 7.71 6.45 -18.80
N GLU A 28 8.22 7.33 -17.94
CA GLU A 28 7.40 8.27 -17.18
C GLU A 28 7.56 9.70 -17.71
N GLU A 29 6.43 10.32 -18.04
CA GLU A 29 6.35 11.74 -18.32
C GLU A 29 5.40 12.40 -17.33
N ASP A 30 5.70 13.64 -16.96
CA ASP A 30 4.87 14.42 -16.00
C ASP A 30 4.13 13.53 -14.98
N GLY A 31 4.87 12.80 -14.13
CA GLY A 31 4.21 12.10 -13.05
C GLY A 31 3.41 10.86 -13.43
N VAL A 32 3.41 10.46 -14.70
CA VAL A 32 2.65 9.28 -15.14
C VAL A 32 3.56 8.43 -16.01
N ARG A 33 3.56 7.11 -15.75
CA ARG A 33 4.35 6.16 -16.52
C ARG A 33 3.47 5.64 -17.65
N LYS A 34 3.60 6.26 -18.82
CA LYS A 34 2.65 6.09 -19.89
C LYS A 34 3.36 5.74 -21.21
N CYS A 35 2.64 5.00 -22.04
CA CYS A 35 2.94 4.70 -23.43
C CYS A 35 1.71 4.01 -24.01
N LYS A 36 1.84 3.43 -25.20
CA LYS A 36 0.75 2.66 -25.79
C LYS A 36 0.79 1.20 -25.35
N LYS A 37 1.57 0.89 -24.30
CA LYS A 37 1.43 -0.36 -23.56
C LYS A 37 0.02 -0.55 -23.03
N CYS A 38 -0.73 0.54 -22.88
CA CYS A 38 -1.90 0.56 -22.00
C CYS A 38 -2.97 -0.41 -22.44
N GLU A 39 -3.61 -1.05 -21.46
CA GLU A 39 -4.83 -1.79 -21.72
C GLU A 39 -6.01 -0.85 -21.58
N GLY A 40 -6.71 -0.63 -22.68
CA GLY A 40 -7.76 0.35 -22.74
C GLY A 40 -7.21 1.72 -23.05
N PRO A 41 -7.57 2.72 -22.26
CA PRO A 41 -7.08 4.08 -22.49
C PRO A 41 -5.85 4.43 -21.67
N CYS A 42 -5.01 5.28 -22.26
CA CYS A 42 -3.88 5.83 -21.52
C CYS A 42 -4.38 6.75 -20.42
N ARG A 43 -3.74 6.69 -19.26
CA ARG A 43 -4.19 7.50 -18.12
C ARG A 43 -4.10 8.98 -18.46
N LYS A 44 -5.15 9.71 -18.07
CA LYS A 44 -5.27 11.13 -18.40
C LYS A 44 -6.00 11.82 -17.27
N VAL A 45 -5.32 12.76 -16.60
CA VAL A 45 -5.89 13.49 -15.46
C VAL A 45 -6.51 14.78 -15.97
N CYS A 46 -7.74 15.05 -15.54
CA CYS A 46 -8.50 16.20 -15.98
C CYS A 46 -8.84 17.05 -14.77
N ASN A 47 -9.32 18.27 -15.02
CA ASN A 47 -9.66 19.18 -13.95
C ASN A 47 -11.11 18.97 -13.51
N GLY A 48 -11.37 19.33 -12.25
CA GLY A 48 -12.70 19.20 -11.69
C GLY A 48 -13.58 20.39 -12.01
N ILE A 49 -14.78 20.36 -11.45
CA ILE A 49 -15.74 21.43 -11.68
C ILE A 49 -15.37 22.63 -10.83
N GLY A 50 -15.20 23.78 -11.47
CA GLY A 50 -14.88 25.02 -10.79
C GLY A 50 -13.45 25.49 -10.98
N ILE A 51 -12.59 24.67 -11.59
CA ILE A 51 -11.18 24.99 -11.78
C ILE A 51 -10.85 24.87 -13.26
N GLY A 52 -10.08 25.83 -13.78
CA GLY A 52 -9.49 25.68 -15.10
C GLY A 52 -10.51 25.84 -16.22
N GLU A 53 -10.53 24.85 -17.11
CA GLU A 53 -11.50 24.84 -18.21
C GLU A 53 -12.91 25.00 -17.68
N PHE A 54 -13.20 24.37 -16.54
CA PHE A 54 -14.52 24.42 -15.92
C PHE A 54 -14.66 25.56 -14.92
N LYS A 55 -13.90 26.64 -15.08
CA LYS A 55 -14.07 27.78 -14.19
C LYS A 55 -15.44 28.41 -14.40
N ASP A 56 -16.05 28.85 -13.30
CA ASP A 56 -17.36 29.48 -13.23
C ASP A 56 -18.51 28.52 -13.55
N SER A 57 -18.22 27.27 -13.87
CA SER A 57 -19.27 26.29 -14.06
C SER A 57 -19.78 25.79 -12.71
N LEU A 58 -21.09 25.83 -12.52
CA LEU A 58 -21.69 25.30 -11.30
C LEU A 58 -21.78 23.78 -11.32
N SER A 59 -21.77 23.18 -12.51
CA SER A 59 -22.04 21.76 -12.65
C SER A 59 -21.51 21.28 -13.99
N ILE A 60 -21.35 19.95 -14.09
CA ILE A 60 -21.20 19.30 -15.38
C ILE A 60 -22.40 19.71 -16.22
N ASN A 61 -22.18 20.32 -17.38
CA ASN A 61 -23.30 20.65 -18.24
C ASN A 61 -23.09 20.20 -19.68
N ALA A 62 -23.96 20.65 -20.58
CA ALA A 62 -23.96 20.12 -21.93
C ALA A 62 -22.82 20.68 -22.78
N THR A 63 -22.27 21.83 -22.40
CA THR A 63 -21.18 22.42 -23.17
C THR A 63 -19.80 21.98 -22.69
N ASN A 64 -19.68 21.61 -21.41
CA ASN A 64 -18.38 21.24 -20.86
C ASN A 64 -18.20 19.73 -20.70
N ILE A 65 -19.24 18.93 -20.91
CA ILE A 65 -19.10 17.48 -20.79
C ILE A 65 -18.11 16.95 -21.82
N LYS A 66 -17.95 17.66 -22.94
CA LYS A 66 -17.00 17.25 -23.96
C LYS A 66 -15.59 17.14 -23.38
N HIS A 67 -15.23 18.06 -22.50
CA HIS A 67 -13.87 18.15 -21.97
C HIS A 67 -13.54 17.05 -20.97
N PHE A 68 -14.46 16.12 -20.71
CA PHE A 68 -14.17 14.95 -19.90
C PHE A 68 -13.95 13.69 -20.72
N LYS A 69 -13.95 13.80 -22.05
CA LYS A 69 -13.76 12.62 -22.87
C LYS A 69 -12.38 12.02 -22.64
N ASN A 70 -12.35 10.70 -22.45
CA ASN A 70 -11.13 9.92 -22.26
C ASN A 70 -10.40 10.26 -20.96
N CYS A 71 -11.03 10.99 -20.05
CA CYS A 71 -10.41 11.20 -18.74
C CYS A 71 -10.52 9.94 -17.89
N THR A 72 -9.43 9.61 -17.20
CA THR A 72 -9.41 8.51 -16.24
C THR A 72 -9.29 8.97 -14.80
N SER A 73 -8.68 10.13 -14.57
CA SER A 73 -8.54 10.72 -13.25
C SER A 73 -9.07 12.13 -13.29
N ILE A 74 -9.51 12.64 -12.14
CA ILE A 74 -10.07 13.97 -12.05
C ILE A 74 -9.45 14.67 -10.85
N SER A 75 -8.59 15.65 -11.12
CA SER A 75 -7.99 16.48 -10.09
C SER A 75 -9.03 17.49 -9.63
N GLY A 76 -9.66 17.22 -8.50
CA GLY A 76 -10.70 18.07 -7.99
C GLY A 76 -12.05 17.39 -7.99
N ASP A 77 -13.09 18.20 -7.86
CA ASP A 77 -14.42 17.75 -7.52
C ASP A 77 -15.27 17.52 -8.76
N LEU A 78 -16.46 16.96 -8.55
CA LEU A 78 -17.42 16.71 -9.62
C LEU A 78 -18.83 16.93 -9.09
N HIS A 79 -19.52 17.93 -9.63
CA HIS A 79 -20.89 18.24 -9.28
C HIS A 79 -21.81 17.86 -10.44
N ILE A 80 -22.93 17.23 -10.14
CA ILE A 80 -24.01 17.00 -11.11
C ILE A 80 -25.28 17.55 -10.47
N LEU A 81 -25.54 18.83 -10.69
CA LEU A 81 -26.67 19.54 -10.09
C LEU A 81 -27.87 19.47 -11.03
N PRO A 82 -29.06 19.87 -10.56
CA PRO A 82 -30.23 19.84 -11.46
C PRO A 82 -30.12 20.82 -12.61
N VAL A 83 -29.47 21.96 -12.39
CA VAL A 83 -29.16 22.96 -13.41
C VAL A 83 -28.71 22.28 -14.71
N ALA A 84 -28.06 21.12 -14.56
CA ALA A 84 -27.46 20.45 -15.71
C ALA A 84 -28.52 19.90 -16.66
N PHE A 85 -29.61 19.36 -16.11
CA PHE A 85 -30.58 18.64 -16.92
C PHE A 85 -31.74 19.49 -17.40
N ARG A 86 -31.98 20.64 -16.79
CA ARG A 86 -32.99 21.57 -17.29
C ARG A 86 -32.40 22.66 -18.17
N GLY A 87 -31.08 22.74 -18.29
CA GLY A 87 -30.44 23.83 -18.99
C GLY A 87 -30.42 25.10 -18.16
N ASP A 88 -29.89 26.15 -18.76
CA ASP A 88 -29.87 27.46 -18.12
C ASP A 88 -29.88 28.53 -19.19
N SER A 89 -30.77 29.51 -19.04
CA SER A 89 -30.88 30.58 -20.02
C SER A 89 -29.87 31.69 -19.78
N PHE A 90 -29.52 31.96 -18.52
CA PHE A 90 -28.58 33.04 -18.21
C PHE A 90 -27.20 32.76 -18.78
N THR A 91 -26.83 31.49 -18.89
CA THR A 91 -25.51 31.08 -19.38
C THR A 91 -25.60 30.37 -20.73
N HIS A 92 -26.79 30.34 -21.34
CA HIS A 92 -26.98 29.86 -22.71
C HIS A 92 -26.53 28.41 -22.88
N THR A 93 -26.58 27.61 -21.81
CA THR A 93 -26.24 26.20 -21.89
C THR A 93 -27.49 25.37 -22.10
N PRO A 94 -27.57 24.59 -23.16
CA PRO A 94 -28.71 23.69 -23.34
C PRO A 94 -28.76 22.66 -22.24
N PRO A 95 -29.87 21.95 -22.08
CA PRO A 95 -29.90 20.85 -21.12
C PRO A 95 -29.02 19.71 -21.58
N LEU A 96 -28.65 18.85 -20.63
CA LEU A 96 -27.73 17.76 -20.90
C LEU A 96 -28.50 16.53 -21.38
N ASP A 97 -28.02 15.92 -22.46
CA ASP A 97 -28.57 14.66 -22.99
C ASP A 97 -28.23 13.56 -22.00
N PRO A 98 -29.20 12.81 -21.47
CA PRO A 98 -28.84 11.69 -20.57
C PRO A 98 -27.87 10.70 -21.19
N GLN A 99 -27.96 10.48 -22.50
CA GLN A 99 -27.08 9.51 -23.15
C GLN A 99 -25.62 9.93 -23.08
N GLU A 100 -25.36 11.24 -23.04
CA GLU A 100 -23.99 11.73 -23.02
C GLU A 100 -23.36 11.71 -21.64
N LEU A 101 -23.97 11.03 -20.68
CA LEU A 101 -23.32 10.76 -19.39
C LEU A 101 -22.35 9.60 -19.48
N ASP A 102 -22.39 8.83 -20.58
CA ASP A 102 -21.46 7.72 -20.76
C ASP A 102 -20.04 8.19 -20.97
N ILE A 103 -19.84 9.49 -21.22
CA ILE A 103 -18.53 10.12 -21.30
C ILE A 103 -17.74 9.84 -20.03
N LEU A 104 -18.44 9.61 -18.93
CA LEU A 104 -17.83 9.45 -17.62
C LEU A 104 -17.38 8.01 -17.34
N LYS A 105 -17.60 7.09 -18.29
CA LYS A 105 -17.30 5.68 -18.04
C LYS A 105 -15.80 5.43 -17.87
N THR A 106 -14.95 6.25 -18.49
CA THR A 106 -13.51 6.03 -18.40
C THR A 106 -12.91 6.53 -17.09
N VAL A 107 -13.65 7.34 -16.32
CA VAL A 107 -13.12 7.88 -15.08
C VAL A 107 -12.98 6.77 -14.06
N LYS A 108 -11.81 6.71 -13.41
CA LYS A 108 -11.56 5.71 -12.37
C LYS A 108 -11.08 6.31 -11.06
N GLU A 109 -10.74 7.59 -11.02
CA GLU A 109 -10.25 8.24 -9.82
C GLU A 109 -10.80 9.65 -9.71
N ILE A 110 -11.24 10.02 -8.52
CA ILE A 110 -11.64 11.38 -8.20
C ILE A 110 -10.89 11.81 -6.95
N THR A 111 -10.00 12.78 -7.09
CA THR A 111 -9.25 13.25 -5.93
C THR A 111 -10.14 14.04 -4.98
N GLY A 112 -11.07 14.82 -5.50
CA GLY A 112 -11.98 15.58 -4.68
C GLY A 112 -13.17 14.76 -4.19
N PHE A 113 -14.38 15.29 -4.34
CA PHE A 113 -15.58 14.55 -3.96
C PHE A 113 -16.44 14.28 -5.19
N LEU A 114 -17.48 13.49 -4.98
CA LEU A 114 -18.52 13.26 -5.98
C LEU A 114 -19.86 13.63 -5.38
N LEU A 115 -20.52 14.62 -5.97
CA LEU A 115 -21.80 15.12 -5.49
C LEU A 115 -22.83 14.98 -6.60
N ILE A 116 -23.88 14.21 -6.35
CA ILE A 116 -24.93 14.00 -7.34
C ILE A 116 -26.27 14.41 -6.70
N GLN A 117 -26.90 15.44 -7.27
CA GLN A 117 -28.20 15.90 -6.84
C GLN A 117 -29.22 15.83 -7.98
N ALA A 118 -28.88 15.14 -9.06
CA ALA A 118 -29.70 15.10 -10.24
C ALA A 118 -29.17 14.01 -11.17
N TRP A 119 -30.09 13.20 -11.69
CA TRP A 119 -29.74 12.10 -12.58
C TRP A 119 -30.98 11.78 -13.38
N PRO A 120 -30.86 11.40 -14.65
CA PRO A 120 -32.06 11.14 -15.46
C PRO A 120 -32.96 10.10 -14.81
N GLU A 121 -34.27 10.39 -14.79
CA GLU A 121 -35.22 9.44 -14.25
C GLU A 121 -35.35 8.22 -15.14
N ASN A 122 -35.00 8.35 -16.41
CA ASN A 122 -34.95 7.20 -17.30
C ASN A 122 -33.96 6.14 -16.81
N ARG A 123 -32.91 6.55 -16.10
CA ARG A 123 -31.81 5.67 -15.74
C ARG A 123 -31.93 5.21 -14.29
N THR A 124 -31.86 3.90 -14.09
CA THR A 124 -32.17 3.26 -12.82
C THR A 124 -31.00 3.19 -11.86
N ASP A 125 -29.79 3.55 -12.30
CA ASP A 125 -28.60 3.40 -11.48
C ASP A 125 -27.52 4.36 -11.99
N LEU A 126 -26.39 4.38 -11.31
CA LEU A 126 -25.26 5.24 -11.68
C LEU A 126 -24.24 4.48 -12.52
N HIS A 127 -24.70 3.81 -13.57
CA HIS A 127 -23.77 3.01 -14.35
C HIS A 127 -22.84 3.84 -15.23
N ALA A 128 -22.95 5.17 -15.18
CA ALA A 128 -21.92 5.99 -15.81
C ALA A 128 -20.63 5.96 -14.98
N PHE A 129 -20.74 5.69 -13.68
CA PHE A 129 -19.59 5.57 -12.79
C PHE A 129 -19.27 4.12 -12.45
N GLU A 130 -19.63 3.17 -13.31
CA GLU A 130 -19.42 1.78 -12.97
C GLU A 130 -17.93 1.46 -12.81
N ASN A 131 -17.07 2.12 -13.56
CA ASN A 131 -15.63 1.89 -13.49
C ASN A 131 -14.92 2.81 -12.51
N LEU A 132 -15.66 3.62 -11.75
CA LEU A 132 -15.02 4.46 -10.74
C LEU A 132 -14.45 3.57 -9.64
N GLU A 133 -13.21 3.83 -9.26
CA GLU A 133 -12.50 2.95 -8.33
C GLU A 133 -12.17 3.60 -6.99
N ILE A 134 -11.84 4.89 -6.96
CA ILE A 134 -11.36 5.50 -5.73
C ILE A 134 -11.82 6.95 -5.67
N ILE A 135 -12.30 7.35 -4.50
CA ILE A 135 -12.63 8.74 -4.18
C ILE A 135 -11.70 9.15 -3.06
N ARG A 136 -10.74 10.03 -3.36
CA ARG A 136 -9.75 10.40 -2.36
C ARG A 136 -10.31 11.36 -1.32
N GLY A 137 -11.24 12.21 -1.72
CA GLY A 137 -11.85 13.13 -0.76
C GLY A 137 -10.86 14.07 -0.13
N ARG A 138 -9.85 14.51 -0.89
CA ARG A 138 -8.94 15.53 -0.38
C ARG A 138 -9.65 16.86 -0.16
N THR A 139 -10.67 17.14 -0.96
CA THR A 139 -11.57 18.25 -0.74
C THR A 139 -12.97 17.69 -0.53
N LYS A 140 -13.68 18.23 0.46
CA LYS A 140 -14.96 17.67 0.88
C LYS A 140 -16.07 18.70 0.73
N GLN A 141 -17.23 18.22 0.31
CA GLN A 141 -18.40 19.08 0.17
C GLN A 141 -18.73 19.70 1.53
N HIS A 142 -18.98 21.02 1.48
CA HIS A 142 -19.16 21.80 2.74
C HIS A 142 -17.85 21.65 3.51
N GLY A 143 -17.84 20.72 4.46
CA GLY A 143 -16.63 20.41 5.20
C GLY A 143 -16.43 18.93 5.48
N GLN A 144 -17.35 18.06 5.03
CA GLN A 144 -17.30 16.69 5.51
C GLN A 144 -17.52 15.61 4.45
N PHE A 145 -18.23 15.87 3.35
CA PHE A 145 -18.69 14.81 2.47
C PHE A 145 -17.80 14.63 1.26
N SER A 146 -17.42 13.38 0.98
CA SER A 146 -16.71 12.99 -0.23
C SER A 146 -17.60 12.28 -1.24
N LEU A 147 -18.64 11.59 -0.78
CA LEU A 147 -19.63 11.00 -1.65
C LEU A 147 -21.01 11.46 -1.18
N ALA A 148 -21.76 12.05 -2.10
CA ALA A 148 -23.07 12.63 -1.77
C ALA A 148 -24.02 12.32 -2.91
N VAL A 149 -25.02 11.48 -2.63
CA VAL A 149 -26.06 11.12 -3.58
C VAL A 149 -27.40 11.42 -2.91
N VAL A 150 -28.09 12.45 -3.38
CA VAL A 150 -29.32 12.90 -2.75
C VAL A 150 -30.39 13.15 -3.80
N SER A 151 -31.60 12.62 -3.54
CA SER A 151 -32.84 13.05 -4.20
C SER A 151 -32.96 12.51 -5.63
N LEU A 152 -32.66 11.24 -5.80
CA LEU A 152 -32.69 10.60 -7.11
C LEU A 152 -33.76 9.52 -7.15
N ASN A 153 -34.23 9.21 -8.36
CA ASN A 153 -35.18 8.13 -8.57
C ASN A 153 -34.50 6.80 -8.88
N ILE A 154 -33.18 6.71 -8.68
CA ILE A 154 -32.48 5.46 -8.90
C ILE A 154 -32.96 4.40 -7.92
N THR A 155 -32.84 3.14 -8.33
CA THR A 155 -33.19 2.01 -7.48
C THR A 155 -31.98 1.32 -6.87
N SER A 156 -30.78 1.58 -7.40
CA SER A 156 -29.55 0.98 -6.90
C SER A 156 -28.39 1.91 -7.25
N LEU A 157 -27.36 1.89 -6.40
CA LEU A 157 -26.22 2.77 -6.63
C LEU A 157 -25.43 2.34 -7.86
N GLY A 158 -25.05 1.07 -7.94
CA GLY A 158 -24.37 0.58 -9.12
C GLY A 158 -22.93 1.00 -9.25
N LEU A 159 -22.27 1.32 -8.14
CA LEU A 159 -20.85 1.67 -8.15
C LEU A 159 -20.03 0.39 -7.97
N ARG A 160 -20.03 -0.43 -9.03
CA ARG A 160 -19.52 -1.79 -8.91
C ARG A 160 -18.03 -1.79 -8.57
N SER A 161 -17.25 -0.88 -9.13
CA SER A 161 -15.80 -0.92 -8.99
C SER A 161 -15.27 -0.07 -7.84
N LEU A 162 -16.15 0.48 -7.01
CA LEU A 162 -15.73 1.43 -5.97
C LEU A 162 -15.12 0.66 -4.81
N LYS A 163 -13.82 0.85 -4.59
CA LYS A 163 -13.10 0.11 -3.57
C LYS A 163 -12.56 0.97 -2.43
N GLU A 164 -12.45 2.29 -2.59
CA GLU A 164 -11.86 3.11 -1.54
C GLU A 164 -12.45 4.51 -1.53
N ILE A 165 -12.92 4.92 -0.35
CA ILE A 165 -13.33 6.30 -0.06
C ILE A 165 -12.39 6.79 1.03
N SER A 166 -11.36 7.54 0.64
CA SER A 166 -10.17 7.66 1.48
C SER A 166 -10.32 8.65 2.62
N ASP A 167 -11.20 9.65 2.53
CA ASP A 167 -11.17 10.66 3.58
C ASP A 167 -12.56 11.13 4.01
N GLY A 168 -13.41 11.48 3.06
CA GLY A 168 -14.65 12.14 3.42
C GLY A 168 -15.72 11.21 3.98
N ASP A 169 -16.77 11.83 4.48
CA ASP A 169 -17.96 11.13 4.94
C ASP A 169 -18.90 10.88 3.77
N VAL A 170 -19.77 9.89 3.92
CA VAL A 170 -20.69 9.48 2.87
C VAL A 170 -22.11 9.87 3.28
N ILE A 171 -22.84 10.50 2.35
CA ILE A 171 -24.24 10.84 2.57
C ILE A 171 -25.03 10.34 1.37
N ILE A 172 -25.97 9.42 1.63
CA ILE A 172 -26.89 8.90 0.64
C ILE A 172 -28.28 9.04 1.23
N SER A 173 -29.06 9.99 0.74
CA SER A 173 -30.28 10.36 1.44
C SER A 173 -31.33 10.92 0.50
N GLY A 174 -32.59 10.62 0.79
CA GLY A 174 -33.70 11.16 0.03
C GLY A 174 -33.98 10.49 -1.28
N ASN A 175 -33.53 9.24 -1.46
CA ASN A 175 -33.68 8.52 -2.73
C ASN A 175 -34.83 7.53 -2.58
N LYS A 176 -36.05 8.04 -2.82
CA LYS A 176 -37.26 7.42 -2.30
C LYS A 176 -37.41 5.96 -2.69
N ASN A 177 -36.82 5.51 -3.79
CA ASN A 177 -36.88 4.10 -4.14
C ASN A 177 -35.49 3.52 -4.39
N LEU A 178 -34.54 3.89 -3.55
CA LEU A 178 -33.19 3.33 -3.60
C LEU A 178 -33.05 2.20 -2.58
N CYS A 179 -32.59 1.04 -3.04
CA CYS A 179 -32.33 -0.10 -2.17
C CYS A 179 -30.83 -0.43 -2.19
N TYR A 180 -30.48 -1.54 -1.53
CA TYR A 180 -29.14 -2.12 -1.49
C TYR A 180 -28.14 -1.31 -0.68
N ALA A 181 -28.35 0.00 -0.56
CA ALA A 181 -27.32 0.86 0.02
C ALA A 181 -27.02 0.53 1.48
N ASN A 182 -27.92 -0.15 2.18
CA ASN A 182 -27.68 -0.51 3.56
C ASN A 182 -26.92 -1.82 3.71
N THR A 183 -26.90 -2.65 2.67
CA THR A 183 -26.12 -3.90 2.74
C THR A 183 -24.63 -3.62 2.80
N ILE A 184 -24.18 -2.56 2.11
CA ILE A 184 -22.77 -2.23 2.04
C ILE A 184 -22.19 -2.01 3.43
N ASN A 185 -21.01 -2.59 3.67
CA ASN A 185 -20.23 -2.25 4.87
C ASN A 185 -19.29 -1.11 4.50
N TRP A 186 -19.64 0.10 4.94
CA TRP A 186 -18.92 1.28 4.49
C TRP A 186 -17.57 1.43 5.19
N LYS A 187 -17.38 0.80 6.35
CA LYS A 187 -16.08 0.84 7.01
C LYS A 187 -15.02 0.05 6.26
N LYS A 188 -15.42 -0.92 5.44
CA LYS A 188 -14.47 -1.70 4.65
C LYS A 188 -13.98 -0.98 3.41
N LEU A 189 -14.51 0.20 3.12
CA LEU A 189 -14.03 1.03 2.02
C LEU A 189 -13.32 2.28 2.49
N PHE A 190 -13.41 2.60 3.78
CA PHE A 190 -12.88 3.85 4.31
C PHE A 190 -11.36 3.79 4.40
N GLY A 191 -10.76 4.86 4.92
CA GLY A 191 -9.32 4.95 4.99
C GLY A 191 -8.79 5.76 6.17
N THR A 192 -9.68 6.51 6.83
CA THR A 192 -9.30 7.31 7.99
C THR A 192 -10.34 7.13 9.09
N SER A 193 -9.90 7.37 10.33
CA SER A 193 -10.78 7.26 11.47
C SER A 193 -11.56 8.56 11.68
N GLY A 194 -12.78 8.41 12.21
CA GLY A 194 -13.73 9.50 12.25
C GLY A 194 -14.66 9.54 11.06
N GLN A 195 -14.50 8.62 10.12
CA GLN A 195 -15.26 8.60 8.87
C GLN A 195 -16.61 7.96 9.13
N LYS A 196 -17.67 8.77 9.09
CA LYS A 196 -19.02 8.30 9.36
C LYS A 196 -19.74 8.02 8.04
N THR A 197 -21.03 7.72 8.15
CA THR A 197 -21.89 7.42 7.01
C THR A 197 -23.30 7.81 7.41
N LYS A 198 -24.03 8.44 6.49
CA LYS A 198 -25.40 8.89 6.74
C LYS A 198 -26.28 8.33 5.62
N ILE A 199 -26.81 7.13 5.84
CA ILE A 199 -27.82 6.54 4.96
C ILE A 199 -29.18 6.77 5.62
N ILE A 200 -30.03 7.56 4.97
CA ILE A 200 -31.21 8.10 5.61
C ILE A 200 -32.28 8.38 4.55
N SER A 201 -33.51 7.98 4.84
CA SER A 201 -34.69 8.39 4.07
C SER A 201 -34.68 7.88 2.63
N ASN A 202 -34.12 6.69 2.41
CA ASN A 202 -34.26 6.03 1.12
C ASN A 202 -35.45 5.09 1.20
N ARG A 203 -35.53 4.13 0.28
CA ARG A 203 -36.60 3.15 0.37
C ARG A 203 -36.45 2.32 1.65
N GLY A 204 -37.57 1.80 2.13
CA GLY A 204 -37.57 1.10 3.40
C GLY A 204 -36.85 -0.23 3.33
N GLU A 205 -36.20 -0.57 4.45
CA GLU A 205 -35.47 -1.83 4.54
C GLU A 205 -36.41 -3.02 4.39
N ASN A 206 -37.54 -3.00 5.08
CA ASN A 206 -38.52 -4.07 4.95
C ASN A 206 -39.15 -4.08 3.56
N SER A 207 -39.39 -2.90 3.00
CA SER A 207 -39.99 -2.83 1.67
C SER A 207 -39.05 -3.36 0.60
N CYS A 208 -37.73 -3.27 0.83
CA CYS A 208 -36.76 -3.77 -0.16
C CYS A 208 -36.75 -5.30 -0.18
N LYS A 209 -36.71 -5.92 1.00
CA LYS A 209 -36.74 -7.38 1.06
C LYS A 209 -38.06 -7.93 0.54
N ALA A 210 -39.15 -7.19 0.71
CA ALA A 210 -40.45 -7.67 0.29
C ALA A 210 -40.60 -7.66 -1.23
N THR A 211 -40.00 -6.69 -1.90
CA THR A 211 -40.07 -6.62 -3.36
C THR A 211 -39.00 -7.47 -4.05
N GLY A 212 -38.17 -8.18 -3.28
CA GLY A 212 -37.13 -9.01 -3.84
C GLY A 212 -35.85 -8.31 -4.17
N GLN A 213 -35.66 -7.07 -3.73
CA GLN A 213 -34.49 -6.28 -4.08
C GLN A 213 -33.45 -6.39 -2.96
N VAL A 214 -32.80 -7.55 -2.93
CA VAL A 214 -31.83 -7.89 -1.91
C VAL A 214 -30.64 -8.55 -2.60
N CYS A 215 -29.50 -8.58 -1.89
CA CYS A 215 -28.26 -9.04 -2.51
C CYS A 215 -28.38 -10.46 -3.02
N HIS A 216 -27.72 -10.72 -4.15
CA HIS A 216 -27.80 -12.02 -4.81
C HIS A 216 -27.27 -13.13 -3.91
N ALA A 217 -27.78 -14.33 -4.12
CA ALA A 217 -27.32 -15.49 -3.36
C ALA A 217 -25.81 -15.63 -3.40
N LEU A 218 -25.18 -15.27 -4.52
CA LEU A 218 -23.75 -15.51 -4.67
C LEU A 218 -22.88 -14.41 -4.07
N CYS A 219 -23.46 -13.38 -3.47
CA CYS A 219 -22.65 -12.38 -2.79
C CYS A 219 -22.25 -12.86 -1.40
N SER A 220 -21.30 -12.14 -0.79
CA SER A 220 -20.86 -12.47 0.59
C SER A 220 -21.49 -11.43 1.53
N PRO A 221 -21.46 -11.61 2.87
CA PRO A 221 -22.11 -10.66 3.77
C PRO A 221 -21.35 -9.35 3.86
N GLU A 222 -20.96 -8.78 2.72
CA GLU A 222 -20.25 -7.48 2.70
C GLU A 222 -21.14 -6.46 2.00
N GLY A 223 -22.10 -6.94 1.20
CA GLY A 223 -23.03 -6.05 0.55
C GLY A 223 -23.03 -6.24 -0.96
N CYS A 224 -23.74 -5.33 -1.63
CA CYS A 224 -23.81 -5.32 -3.08
C CYS A 224 -24.26 -3.94 -3.54
N TRP A 225 -24.00 -3.66 -4.81
CA TRP A 225 -24.41 -2.40 -5.41
C TRP A 225 -25.66 -2.54 -6.25
N GLY A 226 -26.15 -3.76 -6.43
CA GLY A 226 -27.35 -4.01 -7.19
C GLY A 226 -27.80 -5.45 -7.08
N PRO A 227 -28.74 -5.84 -7.92
CA PRO A 227 -29.32 -7.19 -7.82
C PRO A 227 -28.48 -8.31 -8.43
N GLU A 228 -27.74 -8.00 -9.48
CA GLU A 228 -27.12 -9.01 -10.33
C GLU A 228 -25.88 -9.60 -9.66
N PRO A 229 -25.39 -10.74 -10.14
CA PRO A 229 -24.22 -11.36 -9.50
C PRO A 229 -22.94 -10.55 -9.68
N ARG A 230 -22.82 -9.78 -10.76
CA ARG A 230 -21.64 -8.95 -10.97
C ARG A 230 -21.66 -7.68 -10.13
N ASP A 231 -22.65 -7.49 -9.26
CA ASP A 231 -22.77 -6.31 -8.43
C ASP A 231 -22.29 -6.52 -7.00
N CYS A 232 -21.77 -7.70 -6.67
CA CYS A 232 -21.34 -7.96 -5.30
C CYS A 232 -20.13 -7.11 -4.94
N VAL A 233 -19.99 -6.80 -3.65
CA VAL A 233 -18.75 -6.26 -3.15
C VAL A 233 -17.63 -7.28 -3.30
N SER A 234 -17.85 -8.47 -2.74
CA SER A 234 -16.99 -9.61 -2.95
C SER A 234 -17.87 -10.85 -3.07
N CYS A 235 -17.25 -11.95 -3.44
CA CYS A 235 -17.96 -13.19 -3.72
C CYS A 235 -17.91 -14.13 -2.53
N ARG A 236 -18.96 -14.96 -2.41
CA ARG A 236 -18.96 -15.96 -1.35
C ARG A 236 -18.11 -17.16 -1.72
N ASN A 237 -18.11 -17.54 -3.01
CA ASN A 237 -17.29 -18.65 -3.46
C ASN A 237 -16.22 -18.11 -4.37
N VAL A 238 -16.42 -18.06 -5.69
CA VAL A 238 -15.38 -17.72 -6.65
C VAL A 238 -15.96 -16.83 -7.74
N SER A 239 -15.07 -16.29 -8.58
CA SER A 239 -15.42 -15.36 -9.64
C SER A 239 -14.82 -15.82 -10.96
N ARG A 240 -15.63 -15.86 -12.01
CA ARG A 240 -15.16 -16.15 -13.36
C ARG A 240 -15.41 -14.91 -14.21
N GLY A 241 -14.33 -14.24 -14.63
CA GLY A 241 -14.46 -12.92 -15.21
C GLY A 241 -14.66 -11.88 -14.11
N ARG A 242 -15.46 -10.87 -14.41
CA ARG A 242 -15.93 -9.98 -13.36
C ARG A 242 -17.28 -10.41 -12.80
N GLU A 243 -17.86 -11.47 -13.35
CA GLU A 243 -19.04 -12.13 -12.80
C GLU A 243 -18.63 -13.04 -11.64
N CYS A 244 -19.63 -13.54 -10.91
CA CYS A 244 -19.43 -14.07 -9.57
C CYS A 244 -20.23 -15.36 -9.40
N VAL A 245 -19.56 -16.51 -9.49
CA VAL A 245 -20.24 -17.80 -9.62
C VAL A 245 -20.08 -18.63 -8.34
N ASP A 246 -20.54 -19.88 -8.37
CA ASP A 246 -20.52 -20.81 -7.24
C ASP A 246 -19.34 -21.78 -7.27
N LYS A 247 -19.10 -22.41 -8.42
CA LYS A 247 -18.01 -23.38 -8.56
C LYS A 247 -17.26 -23.10 -9.85
N CYS A 248 -16.01 -23.54 -9.90
CA CYS A 248 -15.05 -23.04 -10.88
C CYS A 248 -14.87 -23.93 -12.11
N ASN A 249 -15.52 -25.09 -12.17
CA ASN A 249 -15.19 -26.15 -13.14
C ASN A 249 -13.82 -26.76 -12.83
N LEU A 250 -13.68 -27.36 -11.66
CA LEU A 250 -12.42 -28.01 -11.33
C LEU A 250 -12.37 -29.45 -11.83
N LEU A 251 -13.46 -30.20 -11.62
CA LEU A 251 -13.54 -31.59 -12.03
C LEU A 251 -14.37 -31.80 -13.29
N GLU A 252 -15.42 -31.00 -13.51
CA GLU A 252 -16.24 -31.09 -14.71
C GLU A 252 -16.33 -29.72 -15.37
N GLY A 253 -16.73 -29.72 -16.65
CA GLY A 253 -16.95 -28.48 -17.36
C GLY A 253 -16.42 -28.44 -18.79
N GLU A 254 -16.85 -27.46 -19.57
CA GLU A 254 -16.36 -27.33 -20.97
C GLU A 254 -14.98 -26.67 -20.97
N PRO A 255 -14.81 -25.39 -20.57
CA PRO A 255 -13.50 -24.77 -20.49
C PRO A 255 -13.10 -24.80 -19.04
N ARG A 256 -12.82 -26.00 -18.51
CA ARG A 256 -12.56 -26.10 -17.09
C ARG A 256 -11.19 -25.54 -16.74
N GLU A 257 -11.00 -25.23 -15.46
CA GLU A 257 -10.02 -24.24 -15.04
C GLU A 257 -9.54 -24.56 -13.63
N PHE A 258 -8.79 -23.62 -13.05
CA PHE A 258 -8.26 -23.74 -11.69
C PHE A 258 -8.49 -22.40 -10.98
N VAL A 259 -8.27 -22.38 -9.66
CA VAL A 259 -8.58 -21.22 -8.85
C VAL A 259 -7.28 -20.55 -8.39
N GLU A 260 -7.16 -19.27 -8.72
CA GLU A 260 -6.00 -18.43 -8.41
C GLU A 260 -6.53 -17.14 -7.80
N ASN A 261 -6.28 -16.93 -6.50
CA ASN A 261 -6.71 -15.72 -5.82
C ASN A 261 -8.23 -15.57 -5.93
N SER A 262 -8.93 -16.68 -5.68
CA SER A 262 -10.40 -16.71 -5.69
C SER A 262 -10.97 -16.36 -7.07
N GLU A 263 -10.32 -16.87 -8.12
CA GLU A 263 -10.69 -16.52 -9.49
C GLU A 263 -10.52 -17.73 -10.40
N CYS A 264 -11.59 -18.10 -11.12
CA CYS A 264 -11.51 -19.18 -12.10
C CYS A 264 -10.65 -18.74 -13.29
N ILE A 265 -9.60 -19.49 -13.56
CA ILE A 265 -8.64 -19.15 -14.61
C ILE A 265 -8.47 -20.35 -15.54
N GLN A 266 -8.69 -20.13 -16.83
CA GLN A 266 -8.70 -21.18 -17.83
C GLN A 266 -7.46 -22.08 -17.78
N CYS A 267 -7.57 -23.25 -18.40
CA CYS A 267 -6.55 -24.28 -18.37
C CYS A 267 -6.04 -24.49 -19.78
N HIS A 268 -4.72 -24.50 -19.94
CA HIS A 268 -4.09 -24.40 -21.26
C HIS A 268 -4.75 -25.37 -22.24
N PRO A 269 -4.99 -24.93 -23.49
CA PRO A 269 -5.72 -25.81 -24.43
C PRO A 269 -5.05 -27.13 -24.68
N GLU A 270 -3.76 -27.27 -24.39
CA GLU A 270 -3.03 -28.47 -24.75
C GLU A 270 -2.89 -29.47 -23.63
N CYS A 271 -3.74 -29.39 -22.62
CA CYS A 271 -3.72 -30.34 -21.51
C CYS A 271 -5.02 -31.13 -21.56
N LEU A 272 -4.88 -32.45 -21.62
CA LEU A 272 -6.05 -33.32 -21.80
C LEU A 272 -7.04 -33.11 -20.66
N PRO A 273 -8.32 -32.88 -20.96
CA PRO A 273 -9.33 -32.82 -19.90
C PRO A 273 -9.42 -34.13 -19.15
N GLN A 274 -8.84 -34.17 -17.95
CA GLN A 274 -8.86 -35.36 -17.11
C GLN A 274 -10.15 -35.39 -16.30
N ALA A 275 -10.84 -36.52 -16.35
CA ALA A 275 -12.15 -36.65 -15.71
C ALA A 275 -12.02 -37.09 -14.25
N MET A 276 -12.95 -36.63 -13.40
CA MET A 276 -13.02 -37.03 -11.96
C MET A 276 -12.01 -36.27 -11.08
N ASN A 277 -10.91 -35.79 -11.64
CA ASN A 277 -9.86 -35.09 -10.90
C ASN A 277 -9.46 -33.78 -11.60
N ILE A 278 -8.65 -32.99 -10.89
CA ILE A 278 -8.20 -31.70 -11.41
C ILE A 278 -7.38 -31.92 -12.67
N THR A 279 -7.47 -30.96 -13.59
CA THR A 279 -6.89 -31.07 -14.92
C THR A 279 -5.61 -30.25 -15.06
N CYS A 280 -5.34 -29.33 -14.14
CA CYS A 280 -4.08 -28.59 -14.12
C CYS A 280 -3.93 -27.91 -12.76
N THR A 281 -2.79 -27.25 -12.59
CA THR A 281 -2.49 -26.50 -11.38
C THR A 281 -1.95 -25.10 -11.67
N GLY A 282 -1.83 -24.72 -12.94
CA GLY A 282 -1.36 -23.40 -13.32
C GLY A 282 -1.75 -23.09 -14.75
N ARG A 283 -1.42 -21.87 -15.18
CA ARG A 283 -1.84 -21.40 -16.49
C ARG A 283 -1.04 -22.04 -17.63
N GLY A 284 0.24 -22.34 -17.39
CA GLY A 284 1.14 -22.76 -18.45
C GLY A 284 0.84 -24.15 -18.98
N PRO A 285 1.38 -24.46 -20.16
CA PRO A 285 1.22 -25.81 -20.73
C PRO A 285 2.12 -26.85 -20.09
N ASP A 286 2.94 -26.45 -19.10
CA ASP A 286 3.77 -27.41 -18.38
C ASP A 286 3.07 -27.98 -17.15
N ASN A 287 2.55 -27.10 -16.29
CA ASN A 287 1.98 -27.57 -15.02
C ASN A 287 0.53 -27.99 -15.17
N CYS A 288 0.26 -28.89 -16.11
CA CYS A 288 -0.95 -29.71 -16.09
C CYS A 288 -0.54 -31.16 -15.84
N ILE A 289 -1.53 -32.04 -15.81
CA ILE A 289 -1.30 -33.40 -15.32
C ILE A 289 -1.00 -34.38 -16.44
N GLN A 290 -1.70 -34.28 -17.58
CA GLN A 290 -1.40 -35.12 -18.74
C GLN A 290 -1.59 -34.31 -20.01
N CYS A 291 -0.72 -34.55 -20.98
CA CYS A 291 -0.77 -33.79 -22.22
C CYS A 291 -1.72 -34.46 -23.21
N ALA A 292 -2.19 -33.65 -24.16
CA ALA A 292 -3.22 -34.09 -25.10
C ALA A 292 -2.68 -34.58 -26.43
N HIS A 293 -1.39 -34.37 -26.70
CA HIS A 293 -0.84 -34.76 -28.02
C HIS A 293 0.59 -35.29 -27.86
N TYR A 294 1.53 -34.40 -27.57
CA TYR A 294 2.94 -34.77 -27.43
C TYR A 294 3.56 -34.00 -26.26
N ILE A 295 4.84 -34.26 -26.00
CA ILE A 295 5.58 -33.60 -24.92
C ILE A 295 6.96 -33.18 -25.44
N ASP A 296 7.32 -31.92 -25.20
CA ASP A 296 8.68 -31.42 -25.40
C ASP A 296 9.14 -30.90 -24.05
N GLY A 297 10.07 -31.62 -23.42
CA GLY A 297 10.56 -31.26 -22.11
C GLY A 297 9.44 -31.06 -21.12
N PRO A 298 9.44 -29.90 -20.45
CA PRO A 298 8.38 -29.63 -19.47
C PRO A 298 7.03 -29.32 -20.09
N HIS A 299 6.99 -28.84 -21.34
CA HIS A 299 5.76 -28.32 -21.93
C HIS A 299 5.03 -29.38 -22.75
N CYS A 300 3.69 -29.31 -22.73
CA CYS A 300 2.85 -30.14 -23.58
C CYS A 300 2.53 -29.38 -24.85
N VAL A 301 2.79 -30.00 -26.00
CA VAL A 301 2.68 -29.33 -27.29
C VAL A 301 1.77 -30.19 -28.19
N LYS A 302 1.36 -29.61 -29.33
CA LYS A 302 0.64 -30.34 -30.38
C LYS A 302 1.54 -30.78 -31.53
N THR A 303 2.79 -30.35 -31.56
CA THR A 303 3.65 -30.60 -32.71
C THR A 303 5.10 -30.53 -32.27
N CYS A 304 5.87 -31.59 -32.50
CA CYS A 304 7.26 -31.58 -32.08
C CYS A 304 8.04 -30.57 -32.92
N PRO A 305 8.96 -29.80 -32.31
CA PRO A 305 9.69 -28.76 -33.06
C PRO A 305 10.37 -29.27 -34.32
N ALA A 306 10.02 -28.66 -35.44
CA ALA A 306 10.60 -28.98 -36.75
C ALA A 306 11.00 -27.66 -37.39
N GLY A 307 12.14 -27.11 -36.97
CA GLY A 307 12.60 -25.87 -37.53
C GLY A 307 12.43 -24.68 -36.61
N VAL A 308 12.73 -24.86 -35.32
CA VAL A 308 12.85 -23.75 -34.39
C VAL A 308 14.33 -23.46 -34.21
N MET A 309 14.66 -22.19 -33.99
CA MET A 309 16.02 -21.73 -33.90
C MET A 309 16.30 -21.15 -32.52
N GLY A 310 17.56 -20.81 -32.28
CA GLY A 310 17.95 -20.16 -31.06
C GLY A 310 19.11 -19.20 -31.26
N GLU A 311 20.31 -19.67 -30.93
CA GLU A 311 21.50 -18.85 -31.06
C GLU A 311 22.71 -19.76 -31.16
N ASN A 312 23.70 -19.34 -31.94
CA ASN A 312 24.57 -20.28 -32.65
C ASN A 312 23.67 -21.21 -33.47
N ASN A 313 22.88 -20.57 -34.32
CA ASN A 313 21.64 -21.13 -34.83
C ASN A 313 21.84 -22.44 -35.58
N THR A 314 21.09 -23.46 -35.17
CA THR A 314 20.88 -24.67 -35.95
C THR A 314 19.47 -25.17 -35.74
N LEU A 315 18.81 -25.54 -36.84
CA LEU A 315 17.42 -25.99 -36.77
C LEU A 315 17.35 -27.36 -36.10
N VAL A 316 16.63 -27.42 -34.97
CA VAL A 316 16.55 -28.64 -34.18
C VAL A 316 15.25 -29.36 -34.53
N TRP A 317 15.39 -30.60 -35.02
CA TRP A 317 14.25 -31.45 -35.31
C TRP A 317 14.03 -32.43 -34.16
N LYS A 318 12.78 -32.85 -33.98
CA LYS A 318 12.42 -33.74 -32.89
C LYS A 318 11.38 -34.73 -33.37
N TYR A 319 11.56 -35.99 -33.01
CA TYR A 319 10.66 -37.07 -33.38
C TYR A 319 9.87 -37.54 -32.16
N ALA A 320 8.63 -37.95 -32.41
CA ALA A 320 7.77 -38.47 -31.35
C ALA A 320 7.89 -39.98 -31.33
N ASP A 321 8.24 -40.54 -30.17
CA ASP A 321 8.33 -41.99 -30.07
C ASP A 321 6.91 -42.58 -30.03
N ALA A 322 6.85 -43.90 -29.83
CA ALA A 322 5.55 -44.57 -29.80
C ALA A 322 4.65 -44.03 -28.68
N GLY A 323 5.25 -43.58 -27.57
CA GLY A 323 4.49 -43.01 -26.48
C GLY A 323 4.36 -41.50 -26.56
N HIS A 324 4.47 -40.97 -27.78
CA HIS A 324 4.17 -39.56 -28.08
C HIS A 324 4.98 -38.60 -27.21
N VAL A 325 6.22 -38.96 -26.89
CA VAL A 325 7.17 -38.05 -26.27
C VAL A 325 8.17 -37.64 -27.34
N CYS A 326 8.36 -36.33 -27.51
CA CYS A 326 9.28 -35.83 -28.53
C CYS A 326 10.69 -35.81 -27.96
N HIS A 327 11.61 -36.50 -28.64
CA HIS A 327 13.04 -36.41 -28.39
C HIS A 327 13.70 -35.74 -29.60
N LEU A 328 14.78 -35.02 -29.35
CA LEU A 328 15.50 -34.39 -30.48
C LEU A 328 16.21 -35.49 -31.27
N CYS A 329 16.77 -35.14 -32.42
CA CYS A 329 17.37 -36.11 -33.32
C CYS A 329 18.89 -35.95 -33.32
N HIS A 330 19.57 -36.97 -33.87
CA HIS A 330 21.01 -36.92 -34.10
C HIS A 330 21.34 -35.61 -34.82
N PRO A 331 22.21 -34.76 -34.26
CA PRO A 331 22.41 -33.41 -34.81
C PRO A 331 22.61 -33.34 -36.32
N ASN A 332 23.32 -34.28 -36.92
CA ASN A 332 23.63 -34.18 -38.35
C ASN A 332 22.44 -34.47 -39.25
N CYS A 333 21.33 -34.97 -38.71
CA CYS A 333 20.13 -35.23 -39.51
C CYS A 333 19.26 -33.98 -39.49
N THR A 334 19.65 -33.03 -40.33
CA THR A 334 19.05 -31.69 -40.31
C THR A 334 17.83 -31.54 -41.21
N TYR A 335 17.62 -32.46 -42.14
CA TYR A 335 16.44 -32.43 -43.01
C TYR A 335 15.34 -33.35 -42.48
N GLY A 336 15.04 -33.26 -41.20
CA GLY A 336 13.98 -34.05 -40.60
C GLY A 336 14.42 -35.46 -40.25
N CYS A 337 13.52 -36.16 -39.55
CA CYS A 337 13.76 -37.55 -39.18
C CYS A 337 12.48 -38.13 -38.60
N THR A 338 12.42 -39.46 -38.58
CA THR A 338 11.30 -40.19 -38.00
C THR A 338 11.79 -41.22 -36.99
N GLY A 339 12.99 -41.74 -37.20
CA GLY A 339 13.57 -42.71 -36.29
C GLY A 339 14.82 -42.18 -35.61
N PRO A 340 15.18 -42.79 -34.49
CA PRO A 340 16.38 -42.34 -33.75
C PRO A 340 17.67 -42.70 -34.46
N GLY A 341 18.80 -42.34 -33.86
CA GLY A 341 20.09 -42.75 -34.39
C GLY A 341 20.39 -42.09 -35.71
N LEU A 342 20.95 -42.87 -36.64
CA LEU A 342 21.23 -42.44 -37.99
C LEU A 342 20.16 -42.85 -38.98
N GLU A 343 19.22 -43.72 -38.57
CA GLU A 343 18.36 -44.41 -39.52
C GLU A 343 17.26 -43.51 -40.08
N GLY A 344 16.80 -42.52 -39.31
CA GLY A 344 15.72 -41.68 -39.78
C GLY A 344 16.07 -40.86 -41.00
N CYS A 345 17.28 -40.32 -41.03
CA CYS A 345 17.72 -39.50 -42.15
C CYS A 345 18.67 -40.27 -43.06
N LYS B 36 20.69 12.32 2.40
CA LYS B 36 20.92 13.07 3.64
C LYS B 36 21.61 12.21 4.69
N LYS B 37 20.83 11.56 5.55
CA LYS B 37 21.39 10.74 6.61
C LYS B 37 20.39 9.68 7.01
N CYS B 38 20.90 8.53 7.47
CA CYS B 38 20.06 7.42 7.86
C CYS B 38 19.53 7.62 9.28
N GLU B 39 18.21 7.55 9.43
CA GLU B 39 17.57 7.75 10.72
C GLU B 39 17.55 6.44 11.49
N GLY B 40 18.17 6.44 12.68
CA GLY B 40 18.38 5.23 13.43
C GLY B 40 19.44 4.37 12.77
N PRO B 41 19.13 3.11 12.53
CA PRO B 41 20.05 2.25 11.78
C PRO B 41 19.82 2.34 10.28
N CYS B 42 20.92 2.46 9.54
CA CYS B 42 20.85 2.52 8.09
C CYS B 42 20.63 1.11 7.54
N ARG B 43 19.72 1.02 6.56
CA ARG B 43 19.26 -0.28 6.05
C ARG B 43 20.43 -1.15 5.60
N LYS B 44 20.34 -2.43 5.92
CA LYS B 44 21.40 -3.39 5.60
C LYS B 44 20.79 -4.78 5.50
N VAL B 45 20.94 -5.41 4.35
CA VAL B 45 20.33 -6.72 4.07
C VAL B 45 21.41 -7.78 4.23
N CYS B 46 21.13 -8.77 5.07
CA CYS B 46 22.07 -9.84 5.38
C CYS B 46 21.47 -11.17 4.99
N ASN B 47 22.32 -12.19 4.90
CA ASN B 47 21.85 -13.51 4.53
C ASN B 47 21.38 -14.27 5.77
N GLY B 48 20.54 -15.28 5.53
CA GLY B 48 19.99 -16.08 6.60
C GLY B 48 20.84 -17.30 6.89
N ILE B 49 20.42 -18.04 7.91
CA ILE B 49 21.08 -19.28 8.25
C ILE B 49 20.81 -20.29 7.14
N GLY B 50 21.87 -20.75 6.49
CA GLY B 50 21.73 -21.80 5.50
C GLY B 50 22.34 -21.50 4.14
N ILE B 51 22.55 -20.23 3.81
CA ILE B 51 23.08 -19.85 2.51
C ILE B 51 24.16 -18.79 2.67
N GLY B 52 25.08 -18.78 1.71
CA GLY B 52 26.05 -17.70 1.63
C GLY B 52 27.12 -17.83 2.70
N GLU B 53 27.34 -16.73 3.40
CA GLU B 53 28.33 -16.68 4.46
C GLU B 53 28.01 -17.65 5.60
N PHE B 54 26.73 -17.90 5.86
CA PHE B 54 26.29 -18.85 6.88
C PHE B 54 25.99 -20.21 6.28
N LYS B 55 26.70 -20.60 5.24
CA LYS B 55 26.47 -21.91 4.63
C LYS B 55 26.91 -23.01 5.58
N ASP B 56 26.10 -24.08 5.64
CA ASP B 56 26.37 -25.28 6.44
C ASP B 56 26.21 -25.06 7.93
N SER B 57 25.96 -23.81 8.36
CA SER B 57 25.66 -23.57 9.77
C SER B 57 24.25 -24.07 10.09
N LEU B 58 24.15 -24.87 11.15
CA LEU B 58 22.83 -25.33 11.57
C LEU B 58 22.04 -24.26 12.29
N SER B 59 22.70 -23.20 12.74
CA SER B 59 22.05 -22.23 13.62
C SER B 59 22.94 -21.01 13.75
N ILE B 60 22.31 -19.91 14.18
CA ILE B 60 23.06 -18.81 14.77
C ILE B 60 23.96 -19.38 15.85
N ASN B 61 25.25 -19.09 15.77
CA ASN B 61 26.15 -19.59 16.79
C ASN B 61 27.15 -18.49 17.15
N ALA B 62 28.13 -18.85 17.99
CA ALA B 62 28.99 -17.84 18.59
C ALA B 62 29.98 -17.25 17.61
N THR B 63 30.38 -18.00 16.59
CA THR B 63 31.32 -17.47 15.63
C THR B 63 30.65 -16.66 14.52
N ASN B 64 29.38 -16.95 14.22
CA ASN B 64 28.73 -16.27 13.11
C ASN B 64 27.79 -15.15 13.53
N ILE B 65 27.44 -15.05 14.83
CA ILE B 65 26.51 -13.99 15.24
C ILE B 65 27.11 -12.61 15.03
N LYS B 66 28.44 -12.49 15.11
CA LYS B 66 29.06 -11.18 14.96
C LYS B 66 28.72 -10.56 13.62
N HIS B 67 28.56 -11.39 12.59
CA HIS B 67 28.29 -10.94 11.24
C HIS B 67 26.82 -10.60 11.00
N PHE B 68 26.03 -10.51 12.06
CA PHE B 68 24.69 -9.95 11.97
C PHE B 68 24.63 -8.53 12.50
N LYS B 69 25.78 -7.92 12.77
CA LYS B 69 25.80 -6.59 13.34
C LYS B 69 25.25 -5.58 12.33
N ASN B 70 24.37 -4.70 12.82
CA ASN B 70 23.75 -3.65 12.02
C ASN B 70 22.88 -4.18 10.90
N CYS B 71 22.47 -5.46 10.96
CA CYS B 71 21.50 -5.98 10.02
C CYS B 71 20.10 -5.47 10.37
N THR B 72 19.38 -4.97 9.36
CA THR B 72 17.99 -4.56 9.52
C THR B 72 17.03 -5.46 8.76
N SER B 73 17.52 -6.24 7.81
CA SER B 73 16.72 -7.18 7.05
C SER B 73 17.49 -8.49 6.94
N ILE B 74 16.75 -9.60 6.87
CA ILE B 74 17.33 -10.92 6.71
C ILE B 74 16.75 -11.53 5.44
N SER B 75 17.60 -11.73 4.44
CA SER B 75 17.19 -12.44 3.23
C SER B 75 17.36 -13.94 3.49
N GLY B 76 16.27 -14.59 3.82
CA GLY B 76 16.32 -15.97 4.23
C GLY B 76 15.94 -16.13 5.69
N ASP B 77 16.20 -17.32 6.19
CA ASP B 77 15.59 -17.78 7.43
C ASP B 77 16.48 -17.45 8.63
N LEU B 78 15.97 -17.78 9.81
CA LEU B 78 16.69 -17.53 11.06
C LEU B 78 16.40 -18.69 12.01
N HIS B 79 17.44 -19.46 12.32
CA HIS B 79 17.36 -20.59 13.24
C HIS B 79 18.11 -20.25 14.52
N ILE B 80 17.50 -20.55 15.66
CA ILE B 80 18.18 -20.48 16.96
C ILE B 80 17.90 -21.82 17.64
N LEU B 81 18.80 -22.77 17.47
CA LEU B 81 18.66 -24.14 17.93
C LEU B 81 19.48 -24.36 19.20
N PRO B 82 19.23 -25.43 19.95
CA PRO B 82 19.96 -25.61 21.22
C PRO B 82 21.45 -25.77 21.04
N VAL B 83 21.88 -26.30 19.89
CA VAL B 83 23.27 -26.38 19.48
C VAL B 83 23.99 -25.06 19.76
N ALA B 84 23.24 -23.96 19.65
CA ALA B 84 23.86 -22.64 19.73
C ALA B 84 24.39 -22.35 21.13
N PHE B 85 23.66 -22.73 22.16
CA PHE B 85 24.03 -22.37 23.52
C PHE B 85 24.85 -23.43 24.23
N ARG B 86 24.87 -24.66 23.70
CA ARG B 86 25.76 -25.69 24.23
C ARG B 86 27.14 -25.64 23.61
N GLY B 87 27.29 -24.98 22.46
CA GLY B 87 28.49 -25.12 21.67
C GLY B 87 28.47 -26.42 20.88
N ASP B 88 29.54 -26.63 20.12
CA ASP B 88 29.68 -27.88 19.37
C ASP B 88 31.15 -28.20 19.17
N SER B 89 31.51 -29.46 19.44
CA SER B 89 32.88 -29.91 19.30
C SER B 89 33.23 -30.27 17.86
N PHE B 90 32.31 -30.92 17.14
CA PHE B 90 32.59 -31.32 15.77
C PHE B 90 32.89 -30.12 14.88
N THR B 91 32.37 -28.95 15.22
CA THR B 91 32.58 -27.74 14.44
C THR B 91 33.37 -26.68 15.21
N HIS B 92 33.90 -27.02 16.38
CA HIS B 92 34.80 -26.14 17.13
C HIS B 92 34.14 -24.81 17.47
N THR B 93 32.83 -24.85 17.74
CA THR B 93 32.04 -23.66 17.96
C THR B 93 31.81 -23.45 19.45
N PRO B 94 32.36 -22.40 20.06
CA PRO B 94 32.06 -22.15 21.48
C PRO B 94 30.59 -21.89 21.68
N PRO B 95 30.07 -22.12 22.88
CA PRO B 95 28.68 -21.79 23.15
C PRO B 95 28.45 -20.29 23.07
N LEU B 96 27.22 -19.91 22.77
CA LEU B 96 26.89 -18.50 22.55
C LEU B 96 26.61 -17.82 23.87
N ASP B 97 27.22 -16.65 24.06
CA ASP B 97 26.93 -15.80 25.21
C ASP B 97 25.49 -15.29 25.09
N PRO B 98 24.64 -15.54 26.09
CA PRO B 98 23.26 -15.01 26.03
C PRO B 98 23.19 -13.50 25.82
N GLN B 99 24.17 -12.75 26.35
CA GLN B 99 24.16 -11.31 26.22
C GLN B 99 24.41 -10.84 24.79
N GLU B 100 25.04 -11.66 23.96
CA GLU B 100 25.35 -11.26 22.59
C GLU B 100 24.17 -11.43 21.64
N LEU B 101 22.98 -11.76 22.16
CA LEU B 101 21.79 -11.82 21.32
C LEU B 101 21.24 -10.44 21.01
N ASP B 102 21.63 -9.42 21.76
CA ASP B 102 21.20 -8.05 21.50
C ASP B 102 21.68 -7.53 20.15
N ILE B 103 22.61 -8.25 19.49
CA ILE B 103 22.99 -7.96 18.12
C ILE B 103 21.78 -7.98 17.19
N LEU B 104 20.74 -8.72 17.56
CA LEU B 104 19.57 -8.88 16.71
C LEU B 104 18.53 -7.77 16.89
N LYS B 105 18.77 -6.82 17.80
CA LYS B 105 17.78 -5.79 18.07
C LYS B 105 17.53 -4.89 16.87
N THR B 106 18.52 -4.73 15.99
CA THR B 106 18.35 -3.87 14.83
C THR B 106 17.51 -4.54 13.74
N VAL B 107 17.35 -5.87 13.79
CA VAL B 107 16.62 -6.57 12.74
C VAL B 107 15.16 -6.15 12.76
N LYS B 108 14.65 -5.75 11.60
CA LYS B 108 13.26 -5.31 11.48
C LYS B 108 12.46 -6.07 10.43
N GLU B 109 13.10 -6.93 9.64
CA GLU B 109 12.41 -7.68 8.61
C GLU B 109 13.10 -9.03 8.44
N ILE B 110 12.30 -10.07 8.23
CA ILE B 110 12.78 -11.40 7.91
C ILE B 110 11.96 -11.91 6.75
N THR B 111 12.62 -12.16 5.61
CA THR B 111 11.88 -12.61 4.43
C THR B 111 11.44 -14.06 4.56
N GLY B 112 12.21 -14.89 5.28
CA GLY B 112 11.85 -16.27 5.47
C GLY B 112 11.07 -16.52 6.74
N PHE B 113 11.51 -17.48 7.54
CA PHE B 113 10.84 -17.78 8.81
C PHE B 113 11.78 -17.51 9.98
N LEU B 114 11.19 -17.39 11.16
CA LEU B 114 11.93 -17.35 12.42
C LEU B 114 11.58 -18.61 13.19
N LEU B 115 12.60 -19.44 13.46
CA LEU B 115 12.43 -20.68 14.21
C LEU B 115 13.28 -20.60 15.46
N ILE B 116 12.64 -20.67 16.62
CA ILE B 116 13.32 -20.61 17.91
C ILE B 116 13.00 -21.88 18.68
N GLN B 117 14.02 -22.71 18.92
CA GLN B 117 13.90 -23.88 19.77
C GLN B 117 14.84 -23.80 20.96
N ALA B 118 15.33 -22.61 21.28
CA ALA B 118 16.26 -22.42 22.38
C ALA B 118 16.39 -20.94 22.66
N TRP B 119 16.49 -20.60 23.94
CA TRP B 119 16.62 -19.22 24.38
C TRP B 119 17.15 -19.24 25.81
N PRO B 120 18.04 -18.32 26.17
CA PRO B 120 18.61 -18.32 27.53
C PRO B 120 17.52 -18.35 28.57
N GLU B 121 17.68 -19.21 29.57
CA GLU B 121 16.59 -19.45 30.51
C GLU B 121 16.46 -18.36 31.56
N ASN B 122 17.47 -17.52 31.75
CA ASN B 122 17.34 -16.38 32.64
C ASN B 122 16.83 -15.14 31.91
N ARG B 123 16.43 -15.26 30.65
CA ARG B 123 15.76 -14.19 29.93
C ARG B 123 14.28 -14.53 29.81
N THR B 124 13.42 -13.59 30.20
CA THR B 124 11.99 -13.84 30.34
C THR B 124 11.21 -13.65 29.06
N ASP B 125 11.82 -13.13 28.00
CA ASP B 125 11.10 -12.77 26.79
C ASP B 125 12.08 -12.69 25.63
N LEU B 126 11.52 -12.49 24.43
CA LEU B 126 12.31 -12.37 23.20
C LEU B 126 12.62 -10.93 22.85
N HIS B 127 13.09 -10.16 23.83
CA HIS B 127 13.33 -8.75 23.54
C HIS B 127 14.54 -8.53 22.64
N ALA B 128 15.23 -9.58 22.22
CA ALA B 128 16.19 -9.44 21.12
C ALA B 128 15.49 -9.18 19.80
N PHE B 129 14.21 -9.54 19.68
CA PHE B 129 13.39 -9.22 18.52
C PHE B 129 12.37 -8.16 18.82
N GLU B 130 12.67 -7.29 19.80
CA GLU B 130 11.76 -6.17 20.15
C GLU B 130 11.36 -5.37 18.91
N ASN B 131 12.30 -5.09 18.01
CA ASN B 131 12.02 -4.23 16.87
C ASN B 131 11.68 -4.99 15.60
N LEU B 132 11.55 -6.30 15.66
CA LEU B 132 11.16 -7.07 14.48
C LEU B 132 9.73 -6.70 14.08
N GLU B 133 9.56 -6.29 12.82
CA GLU B 133 8.31 -5.71 12.36
C GLU B 133 7.51 -6.56 11.40
N ILE B 134 8.14 -7.52 10.73
CA ILE B 134 7.43 -8.29 9.71
C ILE B 134 8.18 -9.58 9.41
N ILE B 135 7.42 -10.67 9.20
CA ILE B 135 7.95 -11.97 8.84
C ILE B 135 7.25 -12.39 7.55
N ARG B 136 7.96 -12.36 6.44
CA ARG B 136 7.33 -12.56 5.15
C ARG B 136 7.01 -14.02 4.87
N GLY B 137 7.74 -14.94 5.47
CA GLY B 137 7.41 -16.35 5.28
C GLY B 137 7.45 -16.79 3.84
N ARG B 138 8.36 -16.22 3.04
CA ARG B 138 8.51 -16.67 1.66
C ARG B 138 9.09 -18.06 1.59
N THR B 139 9.95 -18.41 2.55
CA THR B 139 10.36 -19.79 2.79
C THR B 139 9.86 -20.21 4.17
N LYS B 140 9.28 -21.40 4.25
CA LYS B 140 8.61 -21.86 5.46
C LYS B 140 9.28 -23.12 5.99
N GLN B 141 9.27 -23.26 7.32
CA GLN B 141 9.88 -24.42 7.95
C GLN B 141 9.07 -25.67 7.63
N HIS B 142 9.78 -26.72 7.20
CA HIS B 142 9.17 -27.96 6.73
C HIS B 142 8.16 -27.71 5.62
N GLY B 143 8.11 -26.48 5.10
CA GLY B 143 7.13 -26.09 4.10
C GLY B 143 5.83 -25.56 4.66
N GLN B 144 5.77 -25.22 5.95
CA GLN B 144 4.50 -24.84 6.56
C GLN B 144 4.59 -23.62 7.46
N PHE B 145 5.60 -23.53 8.32
CA PHE B 145 5.62 -22.58 9.42
C PHE B 145 6.53 -21.40 9.12
N SER B 146 6.02 -20.20 9.39
CA SER B 146 6.81 -18.97 9.32
C SER B 146 7.29 -18.49 10.68
N LEU B 147 6.52 -18.75 11.73
CA LEU B 147 6.95 -18.45 13.09
C LEU B 147 6.79 -19.70 13.94
N ALA B 148 7.86 -20.09 14.64
CA ALA B 148 7.87 -21.30 15.43
C ALA B 148 8.66 -21.03 16.70
N VAL B 149 7.97 -21.03 17.84
CA VAL B 149 8.58 -20.79 19.15
C VAL B 149 8.19 -21.97 20.03
N VAL B 150 9.15 -22.88 20.27
CA VAL B 150 8.85 -24.14 20.95
C VAL B 150 9.89 -24.43 22.04
N SER B 151 9.40 -24.85 23.23
CA SER B 151 10.29 -25.30 24.34
C SER B 151 11.13 -24.15 24.92
N LEU B 152 10.49 -23.12 25.47
CA LEU B 152 11.27 -22.05 26.08
C LEU B 152 10.77 -21.75 27.50
N ASN B 153 11.68 -21.23 28.31
CA ASN B 153 11.33 -20.81 29.67
C ASN B 153 10.79 -19.38 29.72
N ILE B 154 10.51 -18.77 28.57
CA ILE B 154 10.01 -17.40 28.55
C ILE B 154 8.60 -17.33 29.15
N THR B 155 8.27 -16.16 29.69
CA THR B 155 6.95 -15.90 30.24
C THR B 155 6.06 -15.09 29.30
N SER B 156 6.64 -14.44 28.30
CA SER B 156 5.91 -13.61 27.35
C SER B 156 6.71 -13.58 26.05
N LEU B 157 6.00 -13.42 24.94
CA LEU B 157 6.70 -13.35 23.66
C LEU B 157 7.47 -12.04 23.53
N GLY B 158 6.82 -10.90 23.75
CA GLY B 158 7.52 -9.63 23.76
C GLY B 158 7.90 -9.11 22.40
N LEU B 159 7.21 -9.54 21.35
CA LEU B 159 7.47 -9.05 19.99
C LEU B 159 6.60 -7.82 19.70
N ARG B 160 6.81 -6.76 20.47
CA ARG B 160 5.85 -5.68 20.50
C ARG B 160 5.75 -4.91 19.17
N SER B 161 6.78 -4.96 18.32
CA SER B 161 6.74 -4.26 17.05
C SER B 161 6.21 -5.13 15.91
N LEU B 162 5.92 -6.41 16.15
CA LEU B 162 5.53 -7.31 15.08
C LEU B 162 4.12 -6.98 14.61
N LYS B 163 3.97 -6.70 13.32
CA LYS B 163 2.69 -6.29 12.78
C LYS B 163 2.21 -7.11 11.59
N GLU B 164 3.06 -7.94 10.97
CA GLU B 164 2.63 -8.73 9.84
C GLU B 164 3.36 -10.07 9.82
N ILE B 165 2.61 -11.13 9.50
CA ILE B 165 3.16 -12.46 9.25
C ILE B 165 2.55 -12.89 7.92
N SER B 166 3.23 -12.54 6.82
CA SER B 166 2.57 -12.46 5.52
C SER B 166 2.22 -13.81 4.91
N ASP B 167 2.92 -14.88 5.30
CA ASP B 167 2.56 -16.21 4.85
C ASP B 167 3.09 -17.22 5.86
N GLY B 168 2.56 -18.44 5.80
CA GLY B 168 2.99 -19.48 6.71
C GLY B 168 2.17 -19.54 7.98
N ASP B 169 2.11 -20.74 8.56
CA ASP B 169 1.40 -20.97 9.80
C ASP B 169 2.28 -20.57 10.98
N VAL B 170 1.63 -20.32 12.12
CA VAL B 170 2.32 -19.96 13.36
C VAL B 170 2.16 -21.12 14.34
N ILE B 171 3.25 -21.49 14.99
CA ILE B 171 3.22 -22.54 16.02
C ILE B 171 3.99 -22.05 17.24
N ILE B 172 3.27 -21.77 18.32
CA ILE B 172 3.84 -21.43 19.62
C ILE B 172 3.43 -22.54 20.57
N SER B 173 4.38 -23.38 20.97
CA SER B 173 4.01 -24.61 21.67
C SER B 173 5.08 -25.03 22.67
N GLY B 174 4.64 -25.58 23.79
CA GLY B 174 5.55 -26.20 24.74
C GLY B 174 6.31 -25.25 25.64
N ASN B 175 5.83 -24.01 25.79
CA ASN B 175 6.55 -23.00 26.56
C ASN B 175 5.90 -22.86 27.93
N LYS B 176 6.18 -23.87 28.78
CA LYS B 176 5.53 -24.10 30.07
C LYS B 176 5.17 -22.84 30.85
N ASN B 177 5.95 -21.77 30.71
CA ASN B 177 5.76 -20.55 31.47
C ASN B 177 5.18 -19.41 30.64
N LEU B 178 4.77 -19.67 29.41
CA LEU B 178 4.38 -18.61 28.48
C LEU B 178 2.93 -18.22 28.65
N CYS B 179 2.68 -16.96 28.96
CA CYS B 179 1.34 -16.38 29.01
C CYS B 179 1.19 -15.38 27.87
N TYR B 180 0.01 -14.73 27.82
CA TYR B 180 -0.32 -13.66 26.88
C TYR B 180 -0.54 -14.15 25.45
N ALA B 181 0.05 -15.29 25.09
CA ALA B 181 0.08 -15.69 23.68
C ALA B 181 -1.31 -15.92 23.12
N ASN B 182 -2.29 -16.24 23.97
CA ASN B 182 -3.65 -16.47 23.51
C ASN B 182 -4.46 -15.19 23.36
N THR B 183 -4.02 -14.10 23.99
CA THR B 183 -4.74 -12.83 23.85
C THR B 183 -4.68 -12.31 22.42
N ILE B 184 -3.51 -12.44 21.78
CA ILE B 184 -3.31 -11.88 20.45
C ILE B 184 -4.30 -12.45 19.46
N ASN B 185 -4.79 -11.60 18.55
CA ASN B 185 -5.58 -12.04 17.40
C ASN B 185 -4.63 -12.25 16.23
N TRP B 186 -4.30 -13.51 15.95
CA TRP B 186 -3.31 -13.81 14.92
C TRP B 186 -3.83 -13.56 13.51
N LYS B 187 -5.14 -13.63 13.31
CA LYS B 187 -5.70 -13.30 11.99
C LYS B 187 -5.58 -11.82 11.68
N LYS B 188 -5.38 -10.97 12.70
CA LYS B 188 -5.14 -9.54 12.50
C LYS B 188 -3.75 -9.25 11.97
N LEU B 189 -2.83 -10.23 11.99
CA LEU B 189 -1.47 -10.02 11.49
C LEU B 189 -1.19 -10.80 10.22
N PHE B 190 -2.05 -11.75 9.85
CA PHE B 190 -1.81 -12.60 8.69
C PHE B 190 -1.93 -11.81 7.39
N GLY B 191 -1.80 -12.53 6.27
CA GLY B 191 -1.90 -11.91 4.96
C GLY B 191 -2.36 -12.88 3.89
N THR B 192 -2.48 -14.15 4.25
CA THR B 192 -2.88 -15.20 3.32
C THR B 192 -4.00 -16.04 3.93
N SER B 193 -4.86 -16.56 3.05
CA SER B 193 -5.92 -17.46 3.49
C SER B 193 -5.38 -18.89 3.58
N GLY B 194 -5.93 -19.64 4.53
CA GLY B 194 -5.36 -20.91 4.92
C GLY B 194 -4.30 -20.81 5.99
N GLN B 195 -3.94 -19.60 6.39
CA GLN B 195 -2.96 -19.38 7.44
C GLN B 195 -3.57 -19.73 8.79
N LYS B 196 -3.07 -20.77 9.43
CA LYS B 196 -3.58 -21.22 10.71
C LYS B 196 -2.58 -20.89 11.82
N THR B 197 -2.99 -21.17 13.06
CA THR B 197 -2.18 -20.91 14.24
C THR B 197 -2.27 -22.12 15.16
N LYS B 198 -1.15 -22.49 15.77
CA LYS B 198 -1.05 -23.62 16.66
C LYS B 198 -0.48 -23.11 17.98
N ILE B 199 -1.36 -22.68 18.89
CA ILE B 199 -0.99 -22.36 20.26
C ILE B 199 -1.44 -23.52 21.13
N ILE B 200 -0.49 -24.15 21.83
CA ILE B 200 -0.78 -25.39 22.54
C ILE B 200 0.33 -25.71 23.54
N SER B 201 -0.05 -26.23 24.71
CA SER B 201 0.89 -26.74 25.71
C SER B 201 1.76 -25.65 26.31
N ASN B 202 1.24 -24.44 26.41
CA ASN B 202 1.91 -23.39 27.15
C ASN B 202 1.26 -23.29 28.53
N ARG B 203 1.61 -22.25 29.28
CA ARG B 203 0.97 -22.04 30.56
C ARG B 203 -0.53 -21.89 30.40
N GLY B 204 -1.26 -22.24 31.45
CA GLY B 204 -2.71 -22.23 31.40
C GLY B 204 -3.27 -20.83 31.52
N GLU B 205 -4.26 -20.53 30.67
CA GLU B 205 -4.96 -19.26 30.74
C GLU B 205 -5.45 -18.98 32.16
N ASN B 206 -6.15 -19.95 32.77
CA ASN B 206 -6.63 -19.76 34.13
C ASN B 206 -5.49 -19.53 35.09
N SER B 207 -4.38 -20.24 34.89
CA SER B 207 -3.18 -19.99 35.68
C SER B 207 -2.60 -18.61 35.38
N CYS B 208 -2.78 -18.11 34.15
CA CYS B 208 -2.21 -16.82 33.78
C CYS B 208 -2.98 -15.67 34.42
N LYS B 209 -4.32 -15.74 34.42
CA LYS B 209 -5.09 -14.67 35.05
C LYS B 209 -5.01 -14.74 36.57
N ALA B 210 -4.75 -15.93 37.12
CA ALA B 210 -4.61 -16.06 38.56
C ALA B 210 -3.28 -15.51 39.05
N THR B 211 -2.26 -15.53 38.19
CA THR B 211 -0.97 -14.92 38.48
C THR B 211 -0.97 -13.41 38.28
N GLY B 212 -2.03 -12.86 37.69
CA GLY B 212 -2.02 -11.46 37.30
C GLY B 212 -1.33 -11.19 36.00
N GLN B 213 -1.12 -12.21 35.17
CA GLN B 213 -0.39 -12.07 33.92
C GLN B 213 -1.37 -11.98 32.75
N VAL B 214 -2.01 -10.81 32.68
CA VAL B 214 -3.00 -10.53 31.66
C VAL B 214 -2.68 -9.16 31.05
N CYS B 215 -3.37 -8.87 29.94
CA CYS B 215 -3.11 -7.62 29.23
C CYS B 215 -3.52 -6.42 30.09
N HIS B 216 -2.71 -5.37 30.01
CA HIS B 216 -2.90 -4.15 30.79
C HIS B 216 -4.30 -3.58 30.57
N ALA B 217 -4.77 -2.79 31.54
CA ALA B 217 -6.05 -2.12 31.39
C ALA B 217 -6.11 -1.30 30.10
N LEU B 218 -5.00 -0.67 29.73
CA LEU B 218 -4.97 0.26 28.62
C LEU B 218 -4.80 -0.41 27.26
N CYS B 219 -4.69 -1.73 27.21
CA CYS B 219 -4.68 -2.41 25.92
C CYS B 219 -6.11 -2.53 25.40
N SER B 220 -6.20 -2.85 24.10
CA SER B 220 -7.53 -3.07 23.47
C SER B 220 -7.74 -4.59 23.35
N PRO B 221 -8.93 -5.09 22.96
CA PRO B 221 -9.16 -6.53 22.91
C PRO B 221 -8.31 -7.28 21.88
N GLU B 222 -7.36 -6.60 21.24
CA GLU B 222 -6.54 -7.23 20.18
C GLU B 222 -5.46 -8.14 20.79
N GLY B 223 -5.04 -7.86 22.02
CA GLY B 223 -4.02 -8.66 22.67
C GLY B 223 -2.88 -7.81 23.21
N CYS B 224 -1.81 -8.49 23.58
CA CYS B 224 -0.61 -7.85 24.11
C CYS B 224 0.51 -8.87 24.12
N TRP B 225 1.74 -8.36 24.02
CA TRP B 225 2.91 -9.22 24.00
C TRP B 225 3.55 -9.38 25.38
N GLY B 226 2.99 -8.73 26.39
CA GLY B 226 3.50 -8.81 27.74
C GLY B 226 2.66 -8.01 28.70
N PRO B 227 3.17 -7.75 29.90
CA PRO B 227 2.37 -7.08 30.93
C PRO B 227 2.26 -5.57 30.78
N GLU B 228 3.32 -4.91 30.31
CA GLU B 228 3.41 -3.47 30.44
C GLU B 228 2.52 -2.76 29.40
N PRO B 229 2.20 -1.48 29.62
CA PRO B 229 1.40 -0.76 28.64
C PRO B 229 2.08 -0.62 27.28
N ARG B 230 3.41 -0.56 27.25
CA ARG B 230 4.11 -0.49 25.98
C ARG B 230 4.11 -1.81 25.23
N ASP B 231 3.41 -2.83 25.72
CA ASP B 231 3.37 -4.14 25.08
C ASP B 231 2.08 -4.42 24.32
N CYS B 232 1.12 -3.50 24.30
CA CYS B 232 -0.16 -3.78 23.67
C CYS B 232 0.00 -3.89 22.15
N VAL B 233 -0.89 -4.68 21.53
CA VAL B 233 -0.99 -4.66 20.08
C VAL B 233 -1.45 -3.29 19.60
N SER B 234 -2.50 -2.77 20.24
CA SER B 234 -2.98 -1.41 20.01
C SER B 234 -3.61 -0.94 21.31
N CYS B 235 -3.72 0.38 21.46
CA CYS B 235 -4.22 0.93 22.70
C CYS B 235 -5.75 1.09 22.67
N ARG B 236 -6.33 1.07 23.87
CA ARG B 236 -7.77 1.25 24.02
C ARG B 236 -8.19 2.66 23.65
N ASN B 237 -7.56 3.66 24.27
CA ASN B 237 -7.91 5.05 24.02
C ASN B 237 -6.84 5.75 23.16
N VAL B 238 -5.73 6.20 23.75
CA VAL B 238 -4.68 6.90 23.00
C VAL B 238 -3.30 6.57 23.58
N SER B 239 -2.26 7.04 22.89
CA SER B 239 -0.87 6.71 23.21
C SER B 239 -0.04 7.98 23.30
N ARG B 240 0.92 7.99 24.23
CA ARG B 240 1.93 9.04 24.34
C ARG B 240 3.30 8.38 24.32
N GLY B 241 4.07 8.64 23.26
CA GLY B 241 5.23 7.81 22.99
C GLY B 241 4.78 6.52 22.33
N ARG B 242 5.52 5.44 22.58
CA ARG B 242 5.03 4.11 22.24
C ARG B 242 4.30 3.47 23.41
N GLU B 243 4.11 4.20 24.51
CA GLU B 243 3.31 3.75 25.64
C GLU B 243 1.86 4.15 25.46
N CYS B 244 0.95 3.37 26.04
CA CYS B 244 -0.47 3.66 25.98
C CYS B 244 -0.91 4.39 27.24
N VAL B 245 -1.82 5.35 27.07
CA VAL B 245 -2.34 6.19 28.13
C VAL B 245 -3.86 6.14 28.06
N ASP B 246 -4.53 6.62 29.12
CA ASP B 246 -5.99 6.63 29.09
C ASP B 246 -6.53 7.84 28.32
N LYS B 247 -6.04 9.05 28.60
CA LYS B 247 -6.51 10.22 27.89
C LYS B 247 -5.39 11.24 27.76
N CYS B 248 -5.45 12.05 26.70
CA CYS B 248 -4.46 13.09 26.48
C CYS B 248 -4.82 14.33 27.28
N ASN B 249 -3.80 15.14 27.58
CA ASN B 249 -3.98 16.35 28.37
C ASN B 249 -4.69 17.45 27.57
N LEU B 250 -5.96 17.25 27.26
CA LEU B 250 -6.69 18.24 26.47
C LEU B 250 -7.18 19.40 27.32
N LEU B 251 -7.85 19.10 28.43
CA LEU B 251 -8.52 20.11 29.24
C LEU B 251 -7.69 20.54 30.45
N GLU B 252 -6.58 19.87 30.72
CA GLU B 252 -5.60 20.24 31.74
C GLU B 252 -4.44 19.25 31.63
N GLY B 253 -3.31 19.60 32.20
CA GLY B 253 -2.22 18.65 32.29
C GLY B 253 -0.86 19.34 32.39
N GLU B 254 0.21 18.53 32.35
CA GLU B 254 1.56 19.14 32.47
C GLU B 254 1.79 19.88 31.15
N PRO B 255 1.99 19.20 29.99
CA PRO B 255 2.03 19.92 28.73
C PRO B 255 0.64 19.74 28.15
N ARG B 256 0.06 20.82 27.65
CA ARG B 256 -1.25 20.64 26.99
C ARG B 256 -0.97 19.88 25.70
N GLU B 257 -1.92 19.07 25.23
CA GLU B 257 -1.66 18.23 24.08
C GLU B 257 -2.87 18.22 23.16
N PHE B 258 -2.69 17.66 21.96
CA PHE B 258 -3.78 17.42 21.04
C PHE B 258 -3.63 16.02 20.45
N VAL B 259 -4.69 15.53 19.81
CA VAL B 259 -4.77 14.14 19.37
C VAL B 259 -4.66 14.13 17.86
N GLU B 260 -3.56 13.53 17.35
CA GLU B 260 -3.35 13.32 15.93
C GLU B 260 -3.23 11.81 15.73
N ASN B 261 -4.15 11.24 14.96
CA ASN B 261 -4.20 9.76 14.75
C ASN B 261 -3.98 8.99 16.06
N SER B 262 -4.77 9.27 17.11
CA SER B 262 -4.71 8.47 18.34
C SER B 262 -3.36 8.60 19.04
N GLU B 263 -2.75 9.78 18.99
CA GLU B 263 -1.47 10.02 19.64
C GLU B 263 -1.50 11.38 20.31
N CYS B 264 -0.89 11.49 21.48
CA CYS B 264 -0.77 12.77 22.16
C CYS B 264 0.48 13.50 21.65
N ILE B 265 0.29 14.75 21.23
CA ILE B 265 1.38 15.62 20.84
C ILE B 265 1.25 16.93 21.60
N GLN B 266 2.35 17.41 22.17
CA GLN B 266 2.32 18.64 22.95
C GLN B 266 1.89 19.83 22.08
N CYS B 267 1.41 20.87 22.75
CA CYS B 267 1.19 22.15 22.09
C CYS B 267 2.48 22.97 22.14
N HIS B 268 2.58 23.91 21.20
CA HIS B 268 3.73 24.82 21.17
C HIS B 268 3.85 25.54 22.51
N PRO B 269 5.08 25.80 22.97
CA PRO B 269 5.24 26.42 24.30
C PRO B 269 4.55 27.75 24.47
N GLU B 270 4.27 28.47 23.39
CA GLU B 270 3.74 29.82 23.49
C GLU B 270 2.21 29.86 23.43
N CYS B 271 1.55 28.72 23.31
CA CYS B 271 0.11 28.68 23.54
C CYS B 271 -0.18 28.83 25.02
N LEU B 272 -1.06 29.75 25.35
CA LEU B 272 -1.42 29.97 26.76
C LEU B 272 -2.34 28.85 27.23
N PRO B 273 -2.04 28.20 28.36
CA PRO B 273 -2.91 27.12 28.86
C PRO B 273 -4.32 27.60 29.17
N GLN B 274 -5.28 27.16 28.38
CA GLN B 274 -6.68 27.54 28.53
C GLN B 274 -7.41 26.55 29.43
N ALA B 275 -8.45 27.02 30.10
CA ALA B 275 -9.12 26.27 31.15
C ALA B 275 -10.45 25.71 30.66
N MET B 276 -10.66 24.41 30.90
CA MET B 276 -11.87 23.67 30.53
C MET B 276 -12.06 23.60 29.00
N ASN B 277 -11.04 23.95 28.22
CA ASN B 277 -11.17 23.87 26.78
C ASN B 277 -9.82 23.56 26.17
N ILE B 278 -9.83 23.19 24.89
CA ILE B 278 -8.59 22.85 24.21
C ILE B 278 -7.68 24.07 24.12
N THR B 279 -6.37 23.82 24.16
CA THR B 279 -5.36 24.86 24.21
C THR B 279 -4.71 25.10 22.85
N CYS B 280 -4.81 24.15 21.94
CA CYS B 280 -4.26 24.31 20.61
C CYS B 280 -5.03 23.38 19.67
N THR B 281 -4.54 23.26 18.43
CA THR B 281 -5.13 22.37 17.44
C THR B 281 -4.07 21.68 16.58
N GLY B 282 -2.80 22.03 16.76
CA GLY B 282 -1.73 21.49 15.94
C GLY B 282 -0.39 21.85 16.56
N ARG B 283 0.68 21.52 15.83
CA ARG B 283 2.01 21.63 16.41
C ARG B 283 2.51 23.07 16.43
N GLY B 284 2.16 23.87 15.41
CA GLY B 284 2.75 25.16 15.21
C GLY B 284 2.31 26.22 16.20
N PRO B 285 3.07 27.31 16.28
CA PRO B 285 2.69 28.43 17.15
C PRO B 285 1.60 29.33 16.56
N ASP B 286 1.08 28.98 15.37
CA ASP B 286 -0.11 29.63 14.87
C ASP B 286 -1.38 28.90 15.28
N ASN B 287 -1.31 27.58 15.45
CA ASN B 287 -2.44 26.74 15.86
C ASN B 287 -2.83 26.95 17.33
N CYS B 288 -2.31 27.94 18.06
CA CYS B 288 -2.84 28.24 19.37
C CYS B 288 -4.25 28.82 19.25
N ILE B 289 -4.96 28.86 20.38
CA ILE B 289 -6.27 29.47 20.41
C ILE B 289 -6.16 30.88 20.98
N GLN B 290 -5.12 31.13 21.77
CA GLN B 290 -4.77 32.48 22.19
C GLN B 290 -3.34 32.46 22.75
N CYS B 291 -2.56 33.47 22.36
CA CYS B 291 -1.14 33.52 22.66
C CYS B 291 -0.89 33.94 24.10
N ALA B 292 0.34 33.69 24.56
CA ALA B 292 0.72 33.96 25.94
C ALA B 292 1.47 35.27 26.12
N HIS B 293 2.01 35.85 25.06
CA HIS B 293 2.80 37.08 25.19
C HIS B 293 2.46 38.09 24.11
N TYR B 294 2.71 37.75 22.85
CA TYR B 294 2.41 38.63 21.72
C TYR B 294 2.00 37.76 20.54
N ILE B 295 1.57 38.42 19.46
CA ILE B 295 1.18 37.69 18.25
C ILE B 295 1.71 38.41 17.01
N ASP B 296 2.85 37.94 16.51
CA ASP B 296 3.46 38.47 15.30
C ASP B 296 2.85 37.73 14.11
N GLY B 297 2.01 38.43 13.35
CA GLY B 297 1.31 37.84 12.23
C GLY B 297 0.52 36.63 12.66
N PRO B 298 0.61 35.55 11.89
CA PRO B 298 -0.13 34.33 12.27
C PRO B 298 0.41 33.66 13.52
N HIS B 299 1.66 33.94 13.90
CA HIS B 299 2.35 33.17 14.92
C HIS B 299 2.20 33.79 16.30
N CYS B 300 2.03 32.93 17.30
CA CYS B 300 2.19 33.34 18.69
C CYS B 300 3.67 33.30 19.03
N VAL B 301 4.20 34.40 19.54
CA VAL B 301 5.64 34.53 19.75
C VAL B 301 5.93 34.99 21.18
N LYS B 302 7.19 34.84 21.57
CA LYS B 302 7.65 35.18 22.91
C LYS B 302 7.95 36.67 23.05
N THR B 303 8.35 37.33 21.96
CA THR B 303 8.64 38.75 21.93
C THR B 303 8.80 39.17 20.48
N CYS B 304 8.46 40.43 20.19
CA CYS B 304 8.44 40.89 18.81
C CYS B 304 9.86 40.97 18.24
N PRO B 305 10.01 40.75 16.93
CA PRO B 305 11.33 40.87 16.30
C PRO B 305 11.93 42.25 16.51
N ALA B 306 13.17 42.27 16.99
CA ALA B 306 13.91 43.50 17.24
C ALA B 306 15.21 43.46 16.44
N GLY B 307 15.10 43.61 15.13
CA GLY B 307 16.27 43.66 14.28
C GLY B 307 16.63 42.32 13.67
N VAL B 308 15.64 41.55 13.24
CA VAL B 308 15.89 40.30 12.54
C VAL B 308 15.72 40.53 11.04
N MET B 309 16.38 39.69 10.26
CA MET B 309 16.53 39.91 8.83
C MET B 309 15.37 39.33 8.05
N GLY B 310 15.03 39.96 6.92
CA GLY B 310 13.98 39.46 6.05
C GLY B 310 14.20 39.67 4.55
N GLU B 311 13.29 40.40 3.92
CA GLU B 311 13.30 40.64 2.48
C GLU B 311 14.31 41.73 2.13
N ASN B 312 14.49 41.94 0.81
CA ASN B 312 15.56 42.88 0.40
C ASN B 312 16.82 42.46 1.15
N ASN B 313 17.25 43.26 2.13
CA ASN B 313 18.41 42.89 2.97
C ASN B 313 18.43 43.83 4.17
N THR B 314 17.25 44.13 4.74
CA THR B 314 17.18 45.11 5.84
C THR B 314 16.64 44.46 7.08
N LEU B 315 17.04 44.96 8.25
CA LEU B 315 16.53 44.44 9.51
C LEU B 315 15.08 44.91 9.73
N VAL B 316 14.22 44.00 10.14
CA VAL B 316 12.84 44.34 10.44
C VAL B 316 12.71 44.61 11.93
N TRP B 317 12.18 45.78 12.27
CA TRP B 317 11.87 46.14 13.65
C TRP B 317 10.36 46.20 13.82
N LYS B 318 9.90 45.88 15.02
CA LYS B 318 8.47 45.85 15.29
C LYS B 318 8.21 46.28 16.72
N TYR B 319 7.13 47.02 16.91
CA TYR B 319 6.65 47.39 18.23
C TYR B 319 5.37 46.63 18.54
N ALA B 320 5.16 46.37 19.83
CA ALA B 320 3.91 45.78 20.31
C ALA B 320 2.97 46.88 20.76
N ASP B 321 1.76 46.88 20.23
CA ASP B 321 0.76 47.87 20.62
C ASP B 321 0.17 47.48 21.98
N ALA B 322 -0.86 48.22 22.41
CA ALA B 322 -1.49 47.91 23.70
C ALA B 322 -2.10 46.51 23.70
N GLY B 323 -2.60 46.06 22.55
CA GLY B 323 -3.18 44.74 22.45
C GLY B 323 -2.16 43.66 22.13
N HIS B 324 -0.88 43.97 22.35
CA HIS B 324 0.22 43.00 22.22
C HIS B 324 0.33 42.44 20.81
N VAL B 325 -0.11 43.21 19.80
CA VAL B 325 0.07 42.84 18.40
C VAL B 325 1.27 43.60 17.87
N CYS B 326 2.21 42.88 17.26
CA CYS B 326 3.45 43.48 16.78
C CYS B 326 3.22 44.04 15.37
N HIS B 327 3.55 45.31 15.19
CA HIS B 327 3.45 45.98 13.90
C HIS B 327 4.83 46.42 13.44
N LEU B 328 5.00 46.47 12.12
CA LEU B 328 6.22 47.06 11.55
C LEU B 328 6.38 48.49 12.05
N CYS B 329 7.60 48.99 11.91
CA CYS B 329 7.88 50.37 12.27
C CYS B 329 8.11 51.19 11.01
N HIS B 330 8.11 52.50 11.19
CA HIS B 330 8.42 53.39 10.08
C HIS B 330 9.78 53.01 9.53
N PRO B 331 9.94 52.90 8.21
CA PRO B 331 11.20 52.37 7.64
C PRO B 331 12.45 53.06 8.15
N ASN B 332 12.39 54.38 8.35
CA ASN B 332 13.56 55.15 8.80
C ASN B 332 13.92 54.89 10.26
N CYS B 333 13.13 54.09 10.99
CA CYS B 333 13.42 53.82 12.40
C CYS B 333 14.25 52.54 12.51
N THR B 334 15.51 52.68 12.10
CA THR B 334 16.42 51.55 11.87
C THR B 334 17.13 51.07 13.14
N TYR B 335 16.64 51.44 14.33
CA TYR B 335 17.28 50.98 15.56
C TYR B 335 16.29 50.56 16.63
N GLY B 336 15.01 50.47 16.31
CA GLY B 336 13.98 50.21 17.30
C GLY B 336 12.98 51.35 17.37
N CYS B 337 11.93 51.10 18.14
CA CYS B 337 10.74 51.95 18.15
C CYS B 337 9.74 51.50 19.20
N THR B 338 9.14 52.45 19.90
CA THR B 338 7.99 52.19 20.76
C THR B 338 6.97 53.29 20.46
N GLY B 339 5.96 52.94 19.66
CA GLY B 339 5.08 53.93 19.09
C GLY B 339 5.38 54.08 17.61
N PRO B 340 4.34 54.18 16.80
CA PRO B 340 4.53 54.27 15.35
C PRO B 340 5.19 55.56 14.89
N GLY B 341 5.21 55.77 13.58
CA GLY B 341 5.74 56.98 12.97
C GLY B 341 7.22 57.16 13.26
N LEU B 342 7.65 58.41 13.30
CA LEU B 342 9.02 58.77 13.62
C LEU B 342 9.16 59.35 15.03
N GLU B 343 8.06 59.59 15.74
CA GLU B 343 8.13 60.17 17.07
C GLU B 343 8.75 59.22 18.07
N GLY B 344 8.53 57.90 17.92
CA GLY B 344 9.15 56.94 18.82
C GLY B 344 10.65 56.98 18.76
N CYS B 345 11.21 57.39 17.62
CA CYS B 345 12.65 57.49 17.45
C CYS B 345 13.16 58.89 17.72
N GLU C 1 9.62 -41.77 -3.75
CA GLU C 1 9.92 -41.72 -5.17
C GLU C 1 11.22 -40.97 -5.43
N VAL C 2 11.16 -39.64 -5.51
CA VAL C 2 12.30 -38.81 -5.89
C VAL C 2 12.45 -37.67 -4.89
N GLN C 3 13.67 -37.45 -4.40
CA GLN C 3 14.01 -36.31 -3.57
C GLN C 3 15.06 -35.46 -4.26
N LEU C 4 15.09 -34.18 -3.90
CA LEU C 4 15.98 -33.19 -4.52
C LEU C 4 16.61 -32.34 -3.43
N VAL C 5 17.94 -32.22 -3.44
CA VAL C 5 18.66 -31.42 -2.46
C VAL C 5 19.37 -30.27 -3.18
N GLU C 6 19.11 -29.05 -2.72
CA GLU C 6 19.55 -27.83 -3.38
C GLU C 6 20.72 -27.20 -2.65
N SER C 7 21.64 -26.59 -3.41
CA SER C 7 22.73 -25.82 -2.84
C SER C 7 22.83 -24.50 -3.58
N GLY C 8 23.36 -23.48 -2.89
CA GLY C 8 23.53 -22.18 -3.51
C GLY C 8 22.55 -21.15 -2.99
N GLY C 9 22.25 -20.13 -3.81
CA GLY C 9 21.41 -19.06 -3.37
C GLY C 9 22.20 -17.97 -2.66
N GLY C 10 21.47 -17.09 -2.00
CA GLY C 10 22.07 -15.98 -1.29
C GLY C 10 21.70 -14.65 -1.92
N LEU C 11 22.28 -13.58 -1.36
CA LEU C 11 22.06 -12.23 -1.86
C LEU C 11 23.28 -11.74 -2.63
N VAL C 12 23.04 -10.87 -3.60
CA VAL C 12 24.09 -10.20 -4.36
C VAL C 12 23.66 -8.76 -4.60
N GLN C 13 24.55 -8.01 -5.22
CA GLN C 13 24.29 -6.66 -5.68
C GLN C 13 23.96 -6.67 -7.16
N PRO C 14 23.23 -5.67 -7.65
CA PRO C 14 22.78 -5.71 -9.05
C PRO C 14 23.94 -5.87 -10.01
N GLY C 15 23.73 -6.66 -11.06
CA GLY C 15 24.76 -6.99 -12.00
C GLY C 15 25.67 -8.13 -11.60
N GLY C 16 25.66 -8.54 -10.33
CA GLY C 16 26.50 -9.62 -9.86
C GLY C 16 26.09 -10.98 -10.40
N SER C 17 26.53 -12.04 -9.76
CA SER C 17 26.27 -13.38 -10.29
C SER C 17 26.15 -14.40 -9.17
N LEU C 18 25.41 -15.47 -9.43
CA LEU C 18 25.28 -16.58 -8.50
C LEU C 18 25.20 -17.89 -9.25
N ARG C 19 25.54 -18.96 -8.55
CA ARG C 19 25.42 -20.32 -9.06
C ARG C 19 24.43 -21.10 -8.22
N LEU C 20 23.50 -21.79 -8.88
CA LEU C 20 22.59 -22.71 -8.21
C LEU C 20 22.86 -24.12 -8.68
N SER C 21 22.75 -25.07 -7.75
CA SER C 21 22.96 -26.47 -8.07
C SER C 21 21.91 -27.31 -7.37
N CYS C 22 21.46 -28.37 -8.04
CA CYS C 22 20.47 -29.28 -7.47
C CYS C 22 20.74 -30.68 -7.98
N THR C 23 20.88 -31.62 -7.05
CA THR C 23 21.14 -33.02 -7.37
C THR C 23 20.00 -33.88 -6.83
N ALA C 24 19.61 -34.88 -7.62
CA ALA C 24 18.37 -35.62 -7.42
C ALA C 24 18.67 -37.10 -7.24
N SER C 25 18.23 -37.66 -6.12
CA SER C 25 18.35 -39.08 -5.85
C SER C 25 16.96 -39.70 -5.69
N GLY C 26 16.75 -40.83 -6.34
CA GLY C 26 15.50 -41.55 -6.20
C GLY C 26 15.25 -42.47 -7.39
N MET C 27 13.96 -42.78 -7.58
CA MET C 27 13.46 -43.54 -8.73
C MET C 27 13.35 -42.63 -9.94
N ILE C 28 14.48 -42.35 -10.55
CA ILE C 28 14.51 -41.41 -11.66
C ILE C 28 14.49 -42.19 -12.96
N PHE C 29 13.69 -41.71 -13.90
CA PHE C 29 13.46 -42.43 -15.14
C PHE C 29 14.45 -41.97 -16.20
N SER C 30 14.43 -42.67 -17.33
CA SER C 30 15.45 -42.40 -18.34
C SER C 30 15.22 -41.05 -19.04
N PHE C 31 13.98 -40.71 -19.36
CA PHE C 31 13.65 -39.43 -19.98
C PHE C 31 12.99 -38.57 -18.93
N ASN C 32 13.63 -37.47 -18.58
CA ASN C 32 13.12 -36.60 -17.53
C ASN C 32 13.74 -35.23 -17.69
N VAL C 33 13.04 -34.21 -17.23
CA VAL C 33 13.54 -32.84 -17.27
C VAL C 33 13.73 -32.35 -15.84
N MET C 34 14.85 -31.67 -15.63
CA MET C 34 15.26 -31.14 -14.34
C MET C 34 15.54 -29.65 -14.51
N GLY C 35 15.31 -28.87 -13.47
CA GLY C 35 15.58 -27.44 -13.59
C GLY C 35 15.06 -26.64 -12.41
N TRP C 36 14.72 -25.39 -12.69
CA TRP C 36 14.29 -24.46 -11.65
C TRP C 36 13.03 -23.72 -12.07
N TYR C 37 12.15 -23.52 -11.10
CA TYR C 37 11.08 -22.55 -11.17
C TYR C 37 11.35 -21.46 -10.14
N ARG C 38 10.61 -20.36 -10.26
CA ARG C 38 10.84 -19.27 -9.34
C ARG C 38 9.54 -18.52 -9.12
N GLN C 39 9.46 -17.86 -7.97
CA GLN C 39 8.29 -17.07 -7.62
C GLN C 39 8.77 -15.83 -6.88
N ALA C 40 8.51 -14.68 -7.45
CA ALA C 40 8.83 -13.41 -6.85
C ALA C 40 7.63 -12.89 -6.07
N PRO C 41 7.84 -11.97 -5.13
CA PRO C 41 6.71 -11.30 -4.49
C PRO C 41 6.00 -10.39 -5.48
N GLY C 42 4.69 -10.60 -5.65
CA GLY C 42 3.89 -11.69 -5.14
C GLY C 42 3.20 -12.36 -6.30
N ASN C 43 4.00 -12.65 -7.33
CA ASN C 43 3.49 -13.20 -8.58
C ASN C 43 3.31 -14.71 -8.47
N GLN C 44 2.95 -15.33 -9.58
CA GLN C 44 2.85 -16.77 -9.65
C GLN C 44 4.21 -17.40 -9.88
N ARG C 45 4.32 -18.68 -9.50
CA ARG C 45 5.51 -19.43 -9.84
C ARG C 45 5.59 -19.62 -11.35
N GLU C 46 6.78 -19.46 -11.90
CA GLU C 46 7.01 -19.56 -13.32
C GLU C 46 8.32 -20.28 -13.58
N LEU C 47 8.41 -20.95 -14.73
CA LEU C 47 9.64 -21.61 -15.13
C LEU C 47 10.75 -20.58 -15.33
N ALA C 48 11.95 -20.93 -14.86
CA ALA C 48 13.14 -20.14 -15.10
C ALA C 48 14.06 -20.80 -16.11
N ALA C 49 14.48 -22.03 -15.85
CA ALA C 49 15.35 -22.77 -16.77
C ALA C 49 15.23 -24.26 -16.47
N THR C 50 14.95 -25.04 -17.51
CA THR C 50 14.90 -26.50 -17.37
C THR C 50 15.65 -27.14 -18.52
N ILE C 51 16.62 -27.97 -18.19
CA ILE C 51 17.35 -28.78 -19.15
C ILE C 51 16.80 -30.19 -19.06
N THR C 52 16.88 -30.92 -20.16
CA THR C 52 16.40 -32.30 -20.23
C THR C 52 17.59 -33.24 -20.41
N THR C 53 17.36 -34.55 -20.21
CA THR C 53 18.43 -35.52 -20.40
C THR C 53 18.94 -35.46 -21.82
N ASP C 54 18.08 -35.06 -22.73
CA ASP C 54 18.45 -34.96 -24.12
C ASP C 54 19.34 -33.77 -24.37
N GLY C 55 19.50 -32.86 -23.40
CA GLY C 55 20.31 -31.69 -23.56
C GLY C 55 19.53 -30.43 -23.86
N SER C 56 18.36 -30.56 -24.50
CA SER C 56 17.59 -29.39 -24.90
C SER C 56 17.12 -28.63 -23.67
N THR C 57 17.23 -27.31 -23.73
CA THR C 57 16.95 -26.42 -22.60
C THR C 57 15.73 -25.57 -22.89
N ASN C 58 15.11 -25.09 -21.81
CA ASN C 58 14.00 -24.15 -21.87
C ASN C 58 14.27 -23.02 -20.88
N TYR C 59 14.11 -21.79 -21.32
CA TYR C 59 14.28 -20.63 -20.46
C TYR C 59 13.03 -19.75 -20.49
N ALA C 60 12.82 -19.02 -19.39
CA ALA C 60 11.90 -17.91 -19.44
C ALA C 60 12.48 -16.81 -20.31
N ASP C 61 11.60 -16.07 -20.98
CA ASP C 61 12.09 -15.00 -21.84
C ASP C 61 12.77 -13.90 -21.03
N SER C 62 12.38 -13.74 -19.76
CA SER C 62 13.02 -12.73 -18.92
C SER C 62 14.49 -13.03 -18.69
N VAL C 63 14.91 -14.29 -18.75
CA VAL C 63 16.24 -14.67 -18.30
C VAL C 63 17.16 -15.10 -19.44
N LYS C 64 16.64 -15.35 -20.65
CA LYS C 64 17.50 -15.75 -21.76
C LYS C 64 18.66 -14.78 -21.90
N GLY C 65 19.84 -15.33 -22.22
CA GLY C 65 21.03 -14.51 -22.35
C GLY C 65 21.80 -14.35 -21.05
N ARG C 66 21.09 -14.33 -19.92
CA ARG C 66 21.70 -14.14 -18.62
C ARG C 66 21.79 -15.41 -17.78
N PHE C 67 20.95 -16.40 -18.05
CA PHE C 67 20.91 -17.63 -17.27
C PHE C 67 21.44 -18.78 -18.13
N THR C 68 22.20 -19.67 -17.52
CA THR C 68 22.76 -20.83 -18.21
C THR C 68 22.49 -22.08 -17.39
N ILE C 69 21.77 -23.03 -17.98
CA ILE C 69 21.39 -24.29 -17.33
C ILE C 69 22.22 -25.41 -17.94
N SER C 70 22.80 -26.25 -17.08
CA SER C 70 23.68 -27.32 -17.54
C SER C 70 23.47 -28.55 -16.66
N ARG C 71 23.74 -29.72 -17.24
CA ARG C 71 23.37 -30.99 -16.64
C ARG C 71 24.49 -32.02 -16.74
N ASP C 72 24.78 -32.67 -15.62
CA ASP C 72 25.71 -33.81 -15.57
C ASP C 72 25.01 -34.93 -14.81
N LYS C 73 24.62 -35.99 -15.53
CA LYS C 73 23.91 -37.13 -14.94
C LYS C 73 22.54 -36.71 -14.43
N ASN C 74 22.40 -36.60 -13.10
CA ASN C 74 21.17 -36.15 -12.47
C ASN C 74 21.43 -34.99 -11.52
N THR C 75 22.44 -34.18 -11.81
CA THR C 75 22.64 -32.90 -11.12
C THR C 75 22.71 -31.80 -12.18
N VAL C 76 22.07 -30.68 -11.88
CA VAL C 76 22.03 -29.54 -12.79
C VAL C 76 22.59 -28.33 -12.09
N TYR C 77 23.18 -27.43 -12.87
CA TYR C 77 23.76 -26.19 -12.38
C TYR C 77 23.18 -25.02 -13.16
N LEU C 78 23.01 -23.90 -12.49
CA LEU C 78 22.48 -22.69 -13.11
C LEU C 78 23.45 -21.54 -12.87
N GLN C 79 24.03 -21.01 -13.95
CA GLN C 79 24.83 -19.81 -13.87
C GLN C 79 23.91 -18.61 -14.08
N MET C 80 23.71 -17.82 -13.03
CA MET C 80 22.89 -16.62 -13.08
C MET C 80 23.81 -15.42 -13.17
N ASN C 81 23.90 -14.82 -14.35
CA ASN C 81 24.75 -13.67 -14.62
C ASN C 81 23.90 -12.44 -14.87
N SER C 82 24.47 -11.27 -14.60
CA SER C 82 23.80 -9.99 -14.81
C SER C 82 22.43 -9.99 -14.13
N LEU C 83 22.47 -10.03 -12.81
CA LEU C 83 21.26 -10.17 -12.01
C LEU C 83 20.65 -8.80 -11.71
N LYS C 84 19.33 -8.73 -11.83
CA LYS C 84 18.56 -7.50 -11.73
C LYS C 84 17.53 -7.62 -10.60
N PRO C 85 17.13 -6.49 -9.98
CA PRO C 85 16.09 -6.52 -8.93
C PRO C 85 14.89 -7.42 -9.22
N GLU C 86 14.43 -7.43 -10.47
CA GLU C 86 13.29 -8.28 -10.82
C GLU C 86 13.58 -9.76 -10.63
N ASP C 87 14.86 -10.16 -10.55
CA ASP C 87 15.22 -11.55 -10.38
C ASP C 87 15.09 -12.02 -8.93
N THR C 88 14.87 -11.12 -7.98
CA THR C 88 14.75 -11.52 -6.58
C THR C 88 13.52 -12.37 -6.41
N ALA C 89 13.70 -13.59 -5.89
CA ALA C 89 12.63 -14.58 -5.85
C ALA C 89 13.10 -15.78 -5.04
N VAL C 90 12.18 -16.71 -4.83
CA VAL C 90 12.46 -18.02 -4.30
C VAL C 90 12.61 -18.97 -5.48
N TYR C 91 13.67 -19.76 -5.49
CA TYR C 91 13.95 -20.65 -6.61
C TYR C 91 13.77 -22.09 -6.17
N TYR C 92 12.96 -22.83 -6.92
CA TYR C 92 12.57 -24.20 -6.59
C TYR C 92 13.21 -25.15 -7.58
N CYS C 93 14.06 -26.05 -7.08
CA CYS C 93 14.51 -27.13 -7.93
C CYS C 93 13.31 -27.97 -8.37
N HIS C 94 13.51 -28.72 -9.45
CA HIS C 94 12.38 -29.42 -10.05
C HIS C 94 12.88 -30.63 -10.81
N LEU C 95 11.96 -31.59 -10.99
CA LEU C 95 12.22 -32.80 -11.76
C LEU C 95 10.89 -33.31 -12.27
N LYS C 96 10.79 -33.50 -13.59
CA LYS C 96 9.59 -34.07 -14.20
C LYS C 96 9.96 -35.44 -14.75
N ASN C 97 9.65 -36.48 -13.97
CA ASN C 97 9.84 -37.88 -14.34
C ASN C 97 8.87 -38.25 -15.46
N ILE C 98 9.37 -38.47 -16.67
CA ILE C 98 8.50 -38.69 -17.83
C ILE C 98 8.62 -40.15 -18.26
N ARG C 99 7.53 -40.90 -18.08
CA ARG C 99 7.36 -42.19 -18.76
C ARG C 99 6.85 -41.99 -20.17
N ASP C 100 5.63 -41.48 -20.28
CA ASP C 100 4.83 -41.46 -21.48
C ASP C 100 4.22 -40.07 -21.59
N TYR C 101 3.60 -39.76 -22.73
CA TYR C 101 3.01 -38.42 -22.86
C TYR C 101 1.79 -38.24 -21.96
N ARG C 102 1.22 -39.32 -21.44
CA ARG C 102 0.11 -39.24 -20.49
C ARG C 102 0.53 -39.67 -19.09
N ASN C 103 1.83 -39.76 -18.83
CA ASN C 103 2.32 -40.36 -17.59
C ASN C 103 3.60 -39.63 -17.18
N TYR C 104 3.49 -38.75 -16.19
CA TYR C 104 4.66 -38.08 -15.62
C TYR C 104 4.33 -37.61 -14.21
N SER C 105 5.36 -37.19 -13.50
CA SER C 105 5.20 -36.77 -12.10
C SER C 105 6.21 -35.66 -11.80
N ASN C 106 5.82 -34.77 -10.88
CA ASN C 106 6.58 -33.56 -10.57
C ASN C 106 7.02 -33.58 -9.12
N TYR C 107 8.29 -33.25 -8.89
CA TYR C 107 8.86 -33.16 -7.56
C TYR C 107 9.55 -31.81 -7.41
N TRP C 108 9.45 -31.23 -6.21
CA TRP C 108 9.93 -29.88 -5.96
C TRP C 108 10.84 -29.87 -4.74
N GLY C 109 11.83 -28.95 -4.76
CA GLY C 109 12.67 -28.73 -3.61
C GLY C 109 12.02 -27.81 -2.60
N GLN C 110 12.79 -27.50 -1.55
CA GLN C 110 12.27 -26.65 -0.48
C GLN C 110 12.20 -25.18 -0.91
N GLY C 111 13.10 -24.76 -1.79
CA GLY C 111 13.11 -23.37 -2.23
C GLY C 111 14.26 -22.56 -1.65
N THR C 112 15.06 -21.95 -2.52
CA THR C 112 16.21 -21.15 -2.11
C THR C 112 15.92 -19.69 -2.39
N GLN C 113 16.14 -18.84 -1.39
CA GLN C 113 15.90 -17.41 -1.55
C GLN C 113 17.09 -16.76 -2.23
N VAL C 114 16.82 -16.09 -3.35
CA VAL C 114 17.76 -15.22 -4.02
C VAL C 114 17.19 -13.80 -3.92
N THR C 115 17.97 -12.90 -3.33
CA THR C 115 17.69 -11.48 -3.44
C THR C 115 18.89 -10.76 -4.04
N VAL C 116 18.59 -9.75 -4.81
CA VAL C 116 19.58 -8.76 -5.23
C VAL C 116 19.15 -7.43 -4.63
N SER C 117 20.12 -6.62 -4.24
CA SER C 117 19.88 -5.41 -3.49
C SER C 117 21.18 -4.66 -3.28
N SER C 118 21.11 -3.33 -3.31
CA SER C 118 22.31 -2.49 -3.03
C SER C 118 22.59 -2.54 -1.53
N ALA C 119 22.45 -3.71 -0.91
CA ALA C 119 22.65 -3.86 0.53
C ALA C 119 22.98 -5.31 0.87
N GLU D 1 -18.53 34.84 11.39
CA GLU D 1 -18.94 34.68 10.01
C GLU D 1 -18.16 35.60 9.07
N VAL D 2 -17.13 35.05 8.45
CA VAL D 2 -16.34 35.73 7.42
C VAL D 2 -16.28 34.82 6.22
N GLN D 3 -16.72 35.32 5.07
CA GLN D 3 -16.89 34.50 3.87
C GLN D 3 -15.68 34.67 2.96
N LEU D 4 -14.88 33.61 2.84
CA LEU D 4 -13.70 33.58 1.99
C LEU D 4 -14.05 32.81 0.72
N VAL D 5 -13.96 33.47 -0.42
CA VAL D 5 -14.26 32.86 -1.72
C VAL D 5 -12.98 32.83 -2.55
N GLU D 6 -12.59 31.64 -2.98
CA GLU D 6 -11.30 31.41 -3.62
C GLU D 6 -11.45 31.21 -5.11
N SER D 7 -10.43 31.65 -5.86
CA SER D 7 -10.33 31.37 -7.28
C SER D 7 -8.91 30.92 -7.61
N GLY D 8 -8.77 30.09 -8.62
CA GLY D 8 -7.48 29.59 -9.06
C GLY D 8 -7.25 28.15 -8.63
N GLY D 9 -6.14 27.60 -9.10
CA GLY D 9 -5.72 26.24 -8.80
C GLY D 9 -5.83 25.35 -10.02
N GLY D 10 -5.56 24.07 -9.79
CA GLY D 10 -5.75 23.04 -10.79
C GLY D 10 -4.45 22.48 -11.34
N LEU D 11 -4.57 21.86 -12.52
CA LEU D 11 -3.43 21.19 -13.13
C LEU D 11 -2.40 22.20 -13.61
N VAL D 12 -1.16 21.73 -13.71
CA VAL D 12 -0.06 22.52 -14.27
C VAL D 12 1.12 21.60 -14.40
N GLN D 13 2.07 21.97 -15.25
CA GLN D 13 3.24 21.14 -15.51
C GLN D 13 4.43 21.62 -14.68
N PRO D 14 5.43 20.77 -14.47
CA PRO D 14 6.56 21.15 -13.60
C PRO D 14 7.28 22.38 -14.12
N GLY D 15 7.65 23.28 -13.20
CA GLY D 15 8.28 24.52 -13.54
C GLY D 15 7.35 25.62 -13.99
N GLY D 16 6.08 25.31 -14.25
CA GLY D 16 5.11 26.30 -14.68
C GLY D 16 4.65 27.20 -13.53
N SER D 17 3.53 27.89 -13.73
CA SER D 17 3.09 28.88 -12.75
C SER D 17 1.57 28.85 -12.62
N LEU D 18 1.09 29.25 -11.45
CA LEU D 18 -0.33 29.37 -11.19
C LEU D 18 -0.61 30.59 -10.33
N ARG D 19 -1.83 31.10 -10.46
CA ARG D 19 -2.29 32.30 -9.76
C ARG D 19 -3.43 31.93 -8.83
N LEU D 20 -3.30 32.28 -7.56
CA LEU D 20 -4.32 32.02 -6.55
C LEU D 20 -4.81 33.35 -5.99
N SER D 21 -6.12 33.43 -5.72
CA SER D 21 -6.75 34.67 -5.28
C SER D 21 -7.88 34.34 -4.32
N CYS D 22 -7.98 35.12 -3.24
CA CYS D 22 -9.02 34.92 -2.24
C CYS D 22 -9.59 36.26 -1.81
N THR D 23 -10.93 36.36 -1.81
CA THR D 23 -11.64 37.58 -1.48
C THR D 23 -12.50 37.35 -0.25
N ALA D 24 -12.44 38.28 0.70
CA ALA D 24 -13.00 38.08 2.04
C ALA D 24 -14.18 39.02 2.26
N SER D 25 -15.37 38.46 2.39
CA SER D 25 -16.54 39.19 2.85
C SER D 25 -16.73 38.97 4.34
N GLY D 26 -17.45 39.89 4.98
CA GLY D 26 -17.77 39.72 6.39
C GLY D 26 -17.27 40.81 7.32
N MET D 27 -17.30 40.53 8.63
CA MET D 27 -16.92 41.50 9.65
C MET D 27 -15.44 41.34 9.96
N ILE D 28 -14.62 41.92 9.09
CA ILE D 28 -13.17 41.78 9.17
C ILE D 28 -12.60 42.97 9.95
N PHE D 29 -11.72 42.70 10.90
CA PHE D 29 -11.20 43.77 11.73
C PHE D 29 -10.00 44.42 11.04
N SER D 30 -9.54 45.54 11.62
CA SER D 30 -8.49 46.33 10.97
C SER D 30 -7.18 45.56 10.90
N PHE D 31 -6.81 44.86 11.97
CA PHE D 31 -5.57 44.09 12.01
C PHE D 31 -5.93 42.63 11.74
N ASN D 32 -5.47 42.11 10.61
CA ASN D 32 -5.81 40.73 10.26
C ASN D 32 -4.78 40.15 9.30
N VAL D 33 -4.60 38.83 9.38
CA VAL D 33 -3.70 38.09 8.51
C VAL D 33 -4.53 37.33 7.48
N MET D 34 -4.06 37.34 6.23
CA MET D 34 -4.73 36.64 5.14
C MET D 34 -3.68 35.89 4.34
N GLY D 35 -4.08 34.74 3.79
CA GLY D 35 -3.15 33.99 2.96
C GLY D 35 -3.56 32.57 2.67
N TRP D 36 -2.59 31.66 2.65
CA TRP D 36 -2.84 30.28 2.27
C TRP D 36 -2.11 29.31 3.16
N TYR D 37 -2.80 28.24 3.53
CA TYR D 37 -2.21 27.05 4.10
C TYR D 37 -2.36 25.92 3.09
N ARG D 38 -1.55 24.87 3.26
CA ARG D 38 -1.61 23.80 2.28
C ARG D 38 -1.39 22.47 2.97
N GLN D 39 -1.81 21.41 2.28
CA GLN D 39 -1.81 20.06 2.83
C GLN D 39 -1.61 19.10 1.67
N ALA D 40 -0.43 18.47 1.62
CA ALA D 40 -0.11 17.42 0.67
C ALA D 40 -0.58 16.08 1.22
N PRO D 41 -0.83 15.10 0.35
CA PRO D 41 -1.39 13.81 0.83
C PRO D 41 -0.53 13.16 1.91
N GLY D 42 -1.14 12.94 3.07
CA GLY D 42 -0.46 12.33 4.19
C GLY D 42 -0.13 13.30 5.31
N ASN D 43 0.54 14.40 4.98
CA ASN D 43 1.08 15.30 5.99
C ASN D 43 -0.02 16.14 6.63
N GLN D 44 0.38 16.95 7.61
CA GLN D 44 -0.49 17.90 8.28
C GLN D 44 -0.49 19.23 7.52
N ARG D 45 -1.53 20.02 7.75
CA ARG D 45 -1.64 21.30 7.06
C ARG D 45 -0.61 22.28 7.60
N GLU D 46 0.02 23.03 6.71
CA GLU D 46 1.09 23.93 7.06
C GLU D 46 0.92 25.25 6.34
N LEU D 47 1.43 26.32 6.95
CA LEU D 47 1.42 27.63 6.33
C LEU D 47 2.25 27.61 5.05
N ALA D 48 1.74 28.27 4.02
CA ALA D 48 2.45 28.43 2.76
C ALA D 48 2.82 29.87 2.46
N ALA D 49 1.90 30.80 2.74
CA ALA D 49 2.15 32.22 2.52
C ALA D 49 1.06 33.04 3.19
N THR D 50 1.44 33.98 4.05
CA THR D 50 0.49 34.91 4.62
C THR D 50 1.00 36.33 4.46
N ILE D 51 0.10 37.28 4.74
CA ILE D 51 0.38 38.70 4.61
C ILE D 51 -0.58 39.42 5.55
N THR D 52 -0.06 40.39 6.29
CA THR D 52 -0.88 41.14 7.22
C THR D 52 -1.29 42.45 6.57
N THR D 53 -2.06 43.24 7.33
CA THR D 53 -2.45 44.56 6.87
C THR D 53 -1.28 45.54 6.81
N ASP D 54 -0.22 45.27 7.58
CA ASP D 54 1.00 46.06 7.52
C ASP D 54 1.80 45.79 6.25
N GLY D 55 1.43 44.78 5.47
CA GLY D 55 2.27 44.27 4.42
C GLY D 55 3.27 43.23 4.87
N SER D 56 3.56 43.17 6.17
CA SER D 56 4.49 42.17 6.72
C SER D 56 4.04 40.77 6.32
N THR D 57 5.01 39.94 5.93
CA THR D 57 4.73 38.72 5.19
C THR D 57 5.47 37.53 5.79
N ASN D 58 4.88 36.35 5.63
CA ASN D 58 5.42 35.09 6.14
C ASN D 58 5.36 34.04 5.04
N TYR D 59 6.46 33.30 4.84
CA TYR D 59 6.51 32.20 3.88
C TYR D 59 7.07 30.95 4.53
N ALA D 60 6.61 29.80 4.03
CA ALA D 60 7.26 28.54 4.35
C ALA D 60 8.61 28.46 3.64
N ASP D 61 9.57 27.79 4.29
CA ASP D 61 10.93 27.74 3.74
C ASP D 61 10.96 27.02 2.40
N SER D 62 10.04 26.08 2.17
CA SER D 62 9.99 25.38 0.89
C SER D 62 9.74 26.34 -0.27
N VAL D 63 8.98 27.42 -0.03
CA VAL D 63 8.45 28.23 -1.11
C VAL D 63 9.13 29.59 -1.25
N LYS D 64 10.02 29.97 -0.33
CA LYS D 64 10.69 31.26 -0.44
C LYS D 64 11.40 31.38 -1.78
N GLY D 65 11.30 32.57 -2.38
CA GLY D 65 11.91 32.81 -3.67
C GLY D 65 10.99 32.48 -4.84
N ARG D 66 10.07 31.53 -4.64
CA ARG D 66 9.20 31.06 -5.70
C ARG D 66 7.75 31.50 -5.55
N PHE D 67 7.25 31.69 -4.33
CA PHE D 67 5.90 32.18 -4.10
C PHE D 67 5.95 33.66 -3.77
N THR D 68 4.94 34.40 -4.21
CA THR D 68 4.81 35.82 -3.88
C THR D 68 3.38 36.10 -3.45
N ILE D 69 3.24 36.67 -2.26
CA ILE D 69 1.93 37.03 -1.69
C ILE D 69 1.79 38.55 -1.75
N SER D 70 0.61 39.00 -2.16
CA SER D 70 0.33 40.43 -2.30
C SER D 70 -1.11 40.69 -1.88
N ARG D 71 -1.35 41.90 -1.39
CA ARG D 71 -2.59 42.21 -0.71
C ARG D 71 -3.17 43.54 -1.18
N ASP D 72 -4.45 43.53 -1.53
CA ASP D 72 -5.19 44.72 -1.92
C ASP D 72 -6.48 44.75 -1.11
N LYS D 73 -6.55 45.73 -0.20
CA LYS D 73 -7.70 45.84 0.73
C LYS D 73 -7.73 44.53 1.50
N ASN D 74 -8.80 43.76 1.34
CA ASN D 74 -8.90 42.44 1.94
C ASN D 74 -9.06 41.40 0.85
N THR D 75 -8.20 41.49 -0.16
CA THR D 75 -8.07 40.49 -1.20
C THR D 75 -6.59 40.23 -1.39
N VAL D 76 -6.19 38.97 -1.31
CA VAL D 76 -4.79 38.60 -1.44
C VAL D 76 -4.62 37.74 -2.69
N TYR D 77 -3.44 37.84 -3.29
CA TYR D 77 -3.09 37.12 -4.51
C TYR D 77 -1.78 36.40 -4.29
N LEU D 78 -1.69 35.17 -4.81
CA LEU D 78 -0.49 34.36 -4.69
C LEU D 78 0.02 34.03 -6.08
N GLN D 79 1.26 34.44 -6.37
CA GLN D 79 1.94 34.06 -7.60
C GLN D 79 2.85 32.88 -7.29
N MET D 80 2.51 31.73 -7.86
CA MET D 80 3.24 30.49 -7.61
C MET D 80 4.09 30.21 -8.83
N ASN D 81 5.41 30.42 -8.70
CA ASN D 81 6.35 30.24 -9.80
C ASN D 81 7.30 29.10 -9.50
N SER D 82 7.80 28.47 -10.56
CA SER D 82 8.71 27.33 -10.46
C SER D 82 8.11 26.22 -9.59
N LEU D 83 6.99 25.69 -10.06
CA LEU D 83 6.26 24.67 -9.31
C LEU D 83 6.89 23.30 -9.49
N LYS D 84 7.02 22.57 -8.38
CA LYS D 84 7.68 21.27 -8.33
C LYS D 84 6.69 20.20 -7.89
N PRO D 85 6.93 18.93 -8.24
CA PRO D 85 6.01 17.86 -7.82
C PRO D 85 5.65 17.88 -6.35
N GLU D 86 6.59 18.23 -5.48
CA GLU D 86 6.29 18.26 -4.05
C GLU D 86 5.36 19.40 -3.66
N ASP D 87 5.04 20.31 -4.59
CA ASP D 87 4.11 21.39 -4.31
C ASP D 87 2.65 20.97 -4.45
N THR D 88 2.38 19.82 -5.07
CA THR D 88 1.01 19.37 -5.26
C THR D 88 0.34 19.15 -3.91
N ALA D 89 -0.75 19.87 -3.68
CA ALA D 89 -1.41 19.85 -2.38
C ALA D 89 -2.78 20.51 -2.52
N VAL D 90 -3.52 20.52 -1.43
CA VAL D 90 -4.78 21.27 -1.36
C VAL D 90 -4.47 22.58 -0.65
N TYR D 91 -4.85 23.69 -1.28
CA TYR D 91 -4.50 25.01 -0.78
C TYR D 91 -5.74 25.69 -0.25
N TYR D 92 -5.62 26.24 0.95
CA TYR D 92 -6.74 26.67 1.76
C TYR D 92 -6.54 28.15 2.04
N CYS D 93 -7.48 28.97 1.58
CA CYS D 93 -7.37 30.37 1.97
C CYS D 93 -7.54 30.51 3.48
N HIS D 94 -7.24 31.69 3.97
CA HIS D 94 -7.22 31.81 5.42
C HIS D 94 -7.30 33.27 5.80
N LEU D 95 -8.07 33.54 6.83
CA LEU D 95 -8.15 34.87 7.42
C LEU D 95 -8.09 34.68 8.92
N LYS D 96 -7.00 35.15 9.53
CA LYS D 96 -6.96 35.29 10.97
C LYS D 96 -7.47 36.68 11.27
N ASN D 97 -8.49 36.76 12.11
CA ASN D 97 -9.18 38.00 12.41
C ASN D 97 -8.82 38.38 13.83
N ILE D 98 -7.91 39.35 13.97
CA ILE D 98 -7.25 39.61 15.25
C ILE D 98 -7.77 40.91 15.83
N ARG D 99 -8.31 40.81 17.05
CA ARG D 99 -8.55 41.97 17.92
C ARG D 99 -7.27 42.34 18.66
N ASP D 100 -6.89 41.50 19.62
CA ASP D 100 -5.65 41.60 20.36
C ASP D 100 -5.03 40.21 20.39
N TYR D 101 -4.06 40.02 21.28
CA TYR D 101 -3.28 38.79 21.26
C TYR D 101 -4.01 37.60 21.88
N ARG D 102 -5.04 37.82 22.70
CA ARG D 102 -5.82 36.72 23.26
C ARG D 102 -7.22 36.67 22.70
N ASN D 103 -7.46 37.35 21.59
CA ASN D 103 -8.77 37.44 20.98
C ASN D 103 -8.58 37.41 19.48
N TYR D 104 -8.79 36.25 18.86
CA TYR D 104 -8.74 36.15 17.40
C TYR D 104 -9.48 34.89 16.97
N SER D 105 -9.77 34.83 15.67
CA SER D 105 -10.59 33.78 15.08
C SER D 105 -10.07 33.45 13.69
N ASN D 106 -10.17 32.18 13.31
CA ASN D 106 -9.66 31.69 12.03
C ASN D 106 -10.83 31.26 11.14
N TYR D 107 -10.71 31.59 9.85
CA TYR D 107 -11.70 31.18 8.86
C TYR D 107 -10.99 30.58 7.65
N TRP D 108 -11.53 29.48 7.14
CA TRP D 108 -10.88 28.68 6.10
C TRP D 108 -11.80 28.50 4.91
N GLY D 109 -11.22 28.61 3.72
CA GLY D 109 -11.94 28.31 2.51
C GLY D 109 -12.21 26.82 2.38
N GLN D 110 -12.83 26.46 1.26
CA GLN D 110 -13.13 25.06 0.98
C GLN D 110 -11.89 24.28 0.53
N GLY D 111 -10.82 24.96 0.15
CA GLY D 111 -9.62 24.29 -0.30
C GLY D 111 -9.60 24.08 -1.79
N THR D 112 -8.44 24.31 -2.41
CA THR D 112 -8.27 24.15 -3.84
C THR D 112 -7.18 23.14 -4.14
N GLN D 113 -7.48 22.17 -4.98
CA GLN D 113 -6.47 21.23 -5.43
C GLN D 113 -5.56 21.89 -6.45
N VAL D 114 -4.26 21.84 -6.19
CA VAL D 114 -3.24 22.18 -7.18
C VAL D 114 -2.44 20.91 -7.44
N THR D 115 -2.39 20.49 -8.70
CA THR D 115 -1.66 19.30 -9.10
C THR D 115 -0.64 19.69 -10.15
N VAL D 116 0.60 19.24 -9.96
CA VAL D 116 1.63 19.43 -10.96
C VAL D 116 2.06 18.06 -11.47
N SER D 117 2.67 18.07 -12.66
CA SER D 117 3.05 16.86 -13.39
C SER D 117 1.81 16.09 -13.85
N SER D 118 1.28 16.47 -15.01
CA SER D 118 -0.01 15.96 -15.47
C SER D 118 0.05 15.27 -16.84
C1 NAG E . -21.69 25.44 -18.47
C2 NAG E . -21.68 26.44 -17.32
C3 NAG E . -21.10 27.77 -17.78
C4 NAG E . -19.78 27.59 -18.54
C5 NAG E . -19.83 26.43 -19.53
C6 NAG E . -18.47 26.06 -20.09
C7 NAG E . -23.44 26.00 -15.67
C8 NAG E . -24.85 26.29 -15.27
N2 NAG E . -23.01 26.61 -16.77
O3 NAG E . -20.89 28.60 -16.64
O4 NAG E . -19.56 28.76 -19.31
O5 NAG E . -20.37 25.24 -18.92
O6 NAG E . -17.60 25.56 -19.07
O7 NAG E . -22.72 25.24 -15.04
C1 NAG E . -18.75 29.76 -18.67
C2 NAG E . -18.04 30.51 -19.80
C3 NAG E . -17.19 31.65 -19.23
C4 NAG E . -18.03 32.55 -18.35
C5 NAG E . -18.75 31.73 -17.27
C6 NAG E . -19.69 32.54 -16.43
C7 NAG E . -17.64 29.08 -21.75
C8 NAG E . -16.67 28.17 -22.44
N2 NAG E . -17.22 29.61 -20.59
O3 NAG E . -16.64 32.40 -20.30
O4 NAG E . -17.22 33.54 -17.73
O5 NAG E . -19.51 30.68 -17.88
O6 NAG E . -21.03 32.47 -16.92
O7 NAG E . -18.75 29.32 -22.20
C1 NAG F . 28.82 -22.11 13.34
C2 NAG F . 28.44 -23.36 12.58
C3 NAG F . 29.58 -23.78 11.68
C4 NAG F . 30.08 -22.63 10.83
C5 NAG F . 30.23 -21.33 11.64
C6 NAG F . 30.44 -20.11 10.76
C7 NAG F . 26.80 -24.69 13.82
C8 NAG F . 26.59 -25.83 14.77
N2 NAG F . 28.06 -24.43 13.49
O3 NAG F . 29.13 -24.84 10.84
O4 NAG F . 31.39 -22.95 10.36
O5 NAG F . 29.07 -21.07 12.44
O6 NAG F . 29.30 -19.84 9.96
O7 NAG F . 25.85 -24.05 13.37
C1 NAG F . 31.39 -23.53 9.06
C2 NAG F . 32.79 -23.36 8.50
C3 NAG F . 32.92 -24.05 7.15
C4 NAG F . 32.46 -25.50 7.23
C5 NAG F . 31.06 -25.57 7.83
C6 NAG F . 30.59 -26.98 8.07
C7 NAG F . 33.57 -21.22 9.43
C8 NAG F . 33.88 -19.78 9.14
N2 NAG F . 33.15 -21.96 8.40
O3 NAG F . 34.28 -24.00 6.72
O4 NAG F . 32.45 -26.09 5.94
O5 NAG F . 31.05 -24.92 9.11
O6 NAG F . 31.07 -27.49 9.30
O7 NAG F . 33.69 -21.70 10.56
C1 NAG G . 12.65 -20.30 34.28
C2 NAG G . 13.82 -19.95 35.18
C3 NAG G . 13.36 -19.88 36.64
C4 NAG G . 12.17 -18.94 36.79
C5 NAG G . 11.07 -19.26 35.76
C6 NAG G . 10.00 -18.20 35.71
C7 NAG G . 16.18 -20.55 34.96
C8 NAG G . 17.18 -21.67 34.81
N2 NAG G . 14.90 -20.91 35.04
O3 NAG G . 14.44 -19.41 37.43
O4 NAG G . 11.63 -19.05 38.10
O5 NAG G . 11.62 -19.34 34.44
O6 NAG G . 10.18 -17.35 34.59
O7 NAG G . 16.54 -19.38 35.03
C1 NAG G . 11.74 -17.72 38.64
C2 NAG G . 10.74 -17.53 39.78
C3 NAG G . 10.85 -16.12 40.33
C4 NAG G . 12.29 -15.82 40.72
C5 NAG G . 13.27 -16.15 39.60
C6 NAG G . 14.71 -16.06 40.04
C7 NAG G . 8.69 -18.88 39.70
C8 NAG G . 9.39 -19.83 40.63
N2 NAG G . 9.39 -17.81 39.33
O3 NAG G . 9.99 -15.97 41.45
O4 NAG G . 12.42 -14.43 41.02
O5 NAG G . 13.07 -17.50 39.14
O6 NAG G . 15.42 -15.10 39.27
O7 NAG G . 7.54 -19.10 39.32
C1 NAG H . -10.45 9.11 -27.10
C2 NAG H . -9.84 9.92 -28.24
C3 NAG H . -10.02 9.19 -29.57
C4 NAG H . -9.50 7.76 -29.48
C5 NAG H . -10.18 7.04 -28.32
C6 NAG H . -9.65 5.64 -28.10
C7 NAG H . -9.80 12.35 -27.85
C8 NAG H . -8.44 12.14 -27.25
N2 NAG H . -10.42 11.25 -28.31
O3 NAG H . -9.32 9.88 -30.60
O4 NAG H . -9.76 7.06 -30.69
O5 NAG H . -9.93 7.77 -27.10
O6 NAG H . -10.32 4.69 -28.92
O7 NAG H . -10.32 13.45 -27.93
#